data_7UEG
#
_entry.id   7UEG
#
_entity_poly.entity_id   1
_entity_poly.type   'polypeptide(L)'
_entity_poly.pdbx_seq_one_letter_code
;MARKKNYRPLIALAALAVAALAMATLTFTNLTYWLINATLPPAMKYPGTDTTITRSDSSGYNRYVYVSYYYDPSTGYNVT
RISIVGFTGDPTNYTNVLQLCNKYYSGTLYAKLVAVGTVGTTNYESYIKDFRVYFVNPTTTPNYVQFQGTSVTQSATGSV
SIGPGQCATVGAYVLVDPSLPTSARDGKTVIATYQVNVVFSTSP
;
_entity_poly.pdbx_strand_id   A,E,B,C,D,F
#
# COMPACT_ATOMS: atom_id res chain seq x y z
N THR A 25 45.91 12.06 -42.83
CA THR A 25 47.21 12.63 -42.45
C THR A 25 47.57 12.27 -41.02
N LEU A 26 48.61 11.46 -40.86
CA LEU A 26 49.14 11.09 -39.55
C LEU A 26 48.06 10.41 -38.70
N THR A 27 47.63 9.25 -39.16
CA THR A 27 46.65 8.44 -38.46
C THR A 27 47.34 7.20 -37.92
N PHE A 28 46.86 6.72 -36.76
CA PHE A 28 47.41 5.53 -36.13
C PHE A 28 46.32 4.81 -35.33
N THR A 29 46.56 3.53 -35.08
CA THR A 29 45.59 2.67 -34.39
C THR A 29 46.17 2.19 -33.07
N ASN A 30 45.32 1.58 -32.26
CA ASN A 30 45.78 1.12 -30.96
C ASN A 30 45.34 -0.30 -30.62
N LEU A 31 44.32 -0.83 -31.30
CA LEU A 31 44.00 -2.26 -31.30
C LEU A 31 43.69 -2.81 -29.91
N THR A 32 42.56 -2.42 -29.33
CA THR A 32 42.14 -2.92 -28.03
C THR A 32 41.58 -4.34 -28.13
N TYR A 33 41.55 -5.02 -26.98
CA TYR A 33 40.81 -6.26 -26.78
C TYR A 33 39.74 -6.06 -25.72
N TRP A 34 38.69 -6.87 -25.79
CA TRP A 34 37.64 -6.88 -24.78
C TRP A 34 37.32 -8.31 -24.40
N LEU A 35 37.48 -8.62 -23.11
CA LEU A 35 37.17 -9.93 -22.57
C LEU A 35 35.94 -9.81 -21.69
N ILE A 36 34.99 -10.73 -21.85
CA ILE A 36 33.71 -10.68 -21.15
C ILE A 36 33.59 -11.93 -20.28
N ASN A 37 33.39 -11.71 -18.98
CA ASN A 37 33.03 -12.77 -18.05
C ASN A 37 31.56 -12.62 -17.68
N ALA A 38 30.91 -13.74 -17.40
CA ALA A 38 29.47 -13.76 -17.13
C ALA A 38 29.20 -14.22 -15.71
N THR A 39 28.22 -13.59 -15.07
CA THR A 39 27.83 -13.99 -13.72
C THR A 39 26.37 -13.64 -13.50
N LEU A 40 25.82 -14.20 -12.43
CA LEU A 40 24.42 -13.94 -12.08
C LEU A 40 24.30 -12.52 -11.52
N PRO A 41 23.22 -11.80 -11.87
CA PRO A 41 23.11 -10.42 -11.42
C PRO A 41 23.01 -10.34 -9.93
N PRO A 42 23.51 -9.26 -9.31
CA PRO A 42 23.50 -9.17 -7.85
C PRO A 42 22.20 -8.67 -7.26
N ALA A 43 21.23 -8.27 -8.07
CA ALA A 43 20.00 -7.66 -7.55
C ALA A 43 18.91 -8.69 -7.33
N MET A 44 18.48 -9.34 -8.41
CA MET A 44 17.43 -10.36 -8.36
C MET A 44 16.09 -9.83 -7.87
N LYS A 45 15.02 -10.60 -8.09
CA LYS A 45 13.67 -10.25 -7.66
C LYS A 45 13.15 -11.33 -6.73
N TYR A 46 12.43 -10.93 -5.69
CA TYR A 46 11.91 -11.89 -4.74
C TYR A 46 10.41 -11.72 -4.58
N PRO A 47 9.68 -12.81 -4.31
CA PRO A 47 8.23 -12.82 -4.52
C PRO A 47 7.40 -12.17 -3.43
N GLY A 48 7.99 -11.51 -2.44
CA GLY A 48 7.15 -10.84 -1.47
C GLY A 48 6.38 -11.82 -0.60
N THR A 49 5.27 -11.34 -0.05
CA THR A 49 4.43 -12.14 0.83
C THR A 49 2.97 -12.23 0.40
N ASP A 50 2.43 -11.24 -0.29
CA ASP A 50 1.03 -11.28 -0.71
C ASP A 50 0.73 -12.42 -1.66
N THR A 51 1.75 -13.02 -2.29
CA THR A 51 1.53 -14.18 -3.14
C THR A 51 1.01 -15.38 -2.35
N THR A 52 1.14 -15.36 -1.03
CA THR A 52 0.63 -16.43 -0.17
C THR A 52 -0.70 -16.05 0.47
N ILE A 53 -1.52 -15.29 -0.25
CA ILE A 53 -2.81 -14.86 0.28
C ILE A 53 -3.79 -16.01 0.40
N THR A 54 -3.54 -17.11 -0.32
CA THR A 54 -4.13 -18.44 -0.17
C THR A 54 -5.65 -18.44 -0.10
N ARG A 55 -6.31 -17.35 -0.46
CA ARG A 55 -7.75 -17.24 -0.30
C ARG A 55 -8.36 -16.59 -1.54
N SER A 56 -9.32 -17.29 -2.15
CA SER A 56 -9.83 -16.92 -3.46
C SER A 56 -11.18 -17.60 -3.69
N ASP A 57 -11.80 -17.31 -4.83
CA ASP A 57 -13.16 -17.76 -5.11
C ASP A 57 -13.19 -18.71 -6.29
N SER A 58 -14.39 -19.09 -6.73
CA SER A 58 -14.55 -20.02 -7.84
C SER A 58 -14.27 -19.34 -9.17
N SER A 59 -12.99 -19.18 -9.52
CA SER A 59 -12.60 -18.57 -10.77
C SER A 59 -11.48 -19.30 -11.49
N GLY A 60 -10.99 -20.42 -10.97
CA GLY A 60 -9.85 -21.09 -11.56
C GLY A 60 -8.53 -20.67 -10.95
N TYR A 61 -8.09 -19.44 -11.22
CA TYR A 61 -6.87 -18.95 -10.60
C TYR A 61 -7.09 -18.83 -9.08
N ASN A 62 -6.51 -19.75 -8.32
CA ASN A 62 -6.78 -19.82 -6.88
C ASN A 62 -5.75 -19.05 -6.05
N ARG A 63 -5.45 -17.82 -6.46
CA ARG A 63 -4.53 -16.94 -5.76
C ARG A 63 -4.87 -15.52 -6.17
N TYR A 64 -4.13 -14.56 -5.62
CA TYR A 64 -4.36 -13.16 -5.96
C TYR A 64 -3.13 -12.48 -6.56
N VAL A 65 -1.92 -12.96 -6.26
CA VAL A 65 -0.70 -12.40 -6.81
C VAL A 65 0.20 -13.53 -7.28
N TYR A 66 0.61 -13.48 -8.54
CA TYR A 66 1.58 -14.41 -9.11
C TYR A 66 2.90 -13.69 -9.35
N VAL A 67 3.99 -14.31 -8.91
CA VAL A 67 5.34 -13.84 -9.18
C VAL A 67 6.09 -14.98 -9.85
N SER A 68 6.61 -14.73 -11.04
CA SER A 68 7.31 -15.76 -11.80
C SER A 68 8.11 -15.09 -12.91
N TYR A 69 8.99 -15.87 -13.52
CA TYR A 69 9.85 -15.39 -14.60
C TYR A 69 9.84 -16.38 -15.74
N TYR A 70 10.27 -15.90 -16.91
CA TYR A 70 10.44 -16.77 -18.07
C TYR A 70 11.44 -16.12 -19.01
N TYR A 71 12.43 -16.89 -19.42
CA TYR A 71 13.50 -16.39 -20.28
C TYR A 71 12.93 -16.06 -21.65
N ASP A 72 12.87 -14.78 -21.99
CA ASP A 72 12.41 -14.38 -23.30
C ASP A 72 13.39 -14.89 -24.36
N PRO A 73 12.92 -15.57 -25.40
CA PRO A 73 13.85 -16.07 -26.42
C PRO A 73 14.19 -15.07 -27.50
N SER A 74 13.36 -14.04 -27.71
CA SER A 74 13.61 -13.09 -28.78
C SER A 74 14.84 -12.24 -28.48
N THR A 75 14.93 -11.69 -27.27
CA THR A 75 15.99 -10.75 -26.95
C THR A 75 16.73 -11.06 -25.66
N GLY A 76 16.39 -12.12 -24.94
CA GLY A 76 17.16 -12.52 -23.79
C GLY A 76 17.03 -11.65 -22.56
N TYR A 77 15.84 -11.16 -22.24
CA TYR A 77 15.64 -10.47 -20.98
C TYR A 77 15.07 -11.41 -19.93
N ASN A 78 15.48 -11.20 -18.68
CA ASN A 78 14.95 -11.98 -17.55
C ASN A 78 13.64 -11.35 -17.09
N VAL A 79 12.62 -11.49 -17.95
CA VAL A 79 11.31 -10.90 -17.68
C VAL A 79 10.68 -11.60 -16.48
N THR A 80 10.18 -10.81 -15.53
CA THR A 80 9.51 -11.31 -14.34
C THR A 80 8.07 -10.81 -14.36
N ARG A 81 7.15 -11.64 -14.85
CA ARG A 81 5.76 -11.25 -14.94
C ARG A 81 5.13 -11.20 -13.56
N ILE A 82 4.11 -10.35 -13.42
CA ILE A 82 3.33 -10.22 -12.20
C ILE A 82 1.86 -10.17 -12.58
N SER A 83 1.04 -10.99 -11.93
CA SER A 83 -0.40 -11.00 -12.15
C SER A 83 -1.09 -10.43 -10.92
N ILE A 84 -1.83 -9.35 -11.11
CA ILE A 84 -2.54 -8.67 -10.04
C ILE A 84 -4.02 -8.72 -10.35
N VAL A 85 -4.83 -9.04 -9.35
CA VAL A 85 -6.28 -9.04 -9.48
C VAL A 85 -6.78 -7.66 -9.09
N GLY A 86 -7.48 -7.00 -10.01
CA GLY A 86 -8.01 -5.67 -9.78
C GLY A 86 -9.51 -5.72 -9.54
N PHE A 87 -9.98 -4.85 -8.65
CA PHE A 87 -11.37 -4.85 -8.21
C PHE A 87 -12.12 -3.70 -8.87
N THR A 88 -13.29 -4.00 -9.43
CA THR A 88 -14.03 -3.00 -10.19
C THR A 88 -14.55 -1.90 -9.28
N GLY A 89 -14.37 -0.65 -9.72
CA GLY A 89 -14.91 0.49 -9.03
C GLY A 89 -14.35 0.75 -7.65
N ASP A 90 -13.48 -0.13 -7.18
CA ASP A 90 -12.87 0.01 -5.85
C ASP A 90 -11.36 0.00 -5.97
N PRO A 91 -10.68 1.08 -5.57
CA PRO A 91 -9.22 1.08 -5.62
C PRO A 91 -8.66 -0.02 -4.75
N THR A 92 -7.55 -0.61 -5.21
CA THR A 92 -6.91 -1.71 -4.50
C THR A 92 -5.46 -1.31 -4.20
N ASN A 93 -5.03 -1.60 -2.97
CA ASN A 93 -3.72 -1.16 -2.48
C ASN A 93 -3.01 -2.35 -1.85
N TYR A 94 -2.04 -2.90 -2.56
CA TYR A 94 -1.21 -3.98 -2.04
C TYR A 94 -0.06 -3.40 -1.23
N THR A 95 0.65 -4.27 -0.55
CA THR A 95 1.79 -3.77 0.21
C THR A 95 3.08 -4.56 -0.01
N ASN A 96 2.98 -5.87 -0.26
CA ASN A 96 4.17 -6.73 -0.37
C ASN A 96 4.02 -7.61 -1.60
N VAL A 97 4.46 -7.11 -2.75
CA VAL A 97 4.40 -7.89 -3.98
C VAL A 97 5.81 -8.37 -4.33
N LEU A 98 6.73 -7.45 -4.52
CA LEU A 98 8.10 -7.77 -4.86
C LEU A 98 9.04 -7.30 -3.75
N GLN A 99 10.10 -8.08 -3.53
CA GLN A 99 11.20 -7.69 -2.66
C GLN A 99 12.47 -7.57 -3.49
N LEU A 100 13.09 -6.40 -3.42
CA LEU A 100 14.34 -6.14 -4.13
C LEU A 100 15.48 -6.00 -3.12
N CYS A 101 16.49 -6.86 -3.25
CA CYS A 101 17.68 -6.72 -2.41
C CYS A 101 18.81 -7.60 -2.92
N ASN A 102 20.02 -7.08 -2.78
CA ASN A 102 21.22 -7.76 -3.21
C ASN A 102 21.61 -8.86 -2.23
N LYS A 103 22.13 -9.95 -2.79
CA LYS A 103 22.69 -11.03 -1.99
C LYS A 103 24.19 -11.21 -2.21
N TYR A 104 24.78 -10.48 -3.15
CA TYR A 104 26.18 -10.68 -3.49
C TYR A 104 27.01 -9.41 -3.48
N TYR A 105 26.42 -8.23 -3.66
CA TYR A 105 27.18 -7.01 -3.87
C TYR A 105 27.41 -6.33 -2.53
N SER A 106 28.68 -6.16 -2.17
CA SER A 106 29.06 -5.82 -0.80
C SER A 106 28.89 -4.34 -0.47
N GLY A 107 28.64 -3.49 -1.45
CA GLY A 107 28.52 -2.06 -1.23
C GLY A 107 27.11 -1.62 -0.90
N THR A 108 26.76 -0.44 -1.41
CA THR A 108 25.45 0.16 -1.20
C THR A 108 24.82 0.39 -2.56
N LEU A 109 23.75 -0.34 -2.86
CA LEU A 109 23.11 -0.24 -4.16
C LEU A 109 22.17 0.96 -4.20
N TYR A 110 21.65 1.23 -5.39
CA TYR A 110 20.66 2.27 -5.60
C TYR A 110 19.66 1.79 -6.63
N ALA A 111 18.37 1.97 -6.35
CA ALA A 111 17.32 1.45 -7.20
C ALA A 111 16.37 2.58 -7.61
N LYS A 112 15.67 2.35 -8.72
CA LYS A 112 14.66 3.28 -9.20
C LYS A 112 13.79 2.57 -10.22
N LEU A 113 12.59 3.09 -10.41
CA LEU A 113 11.63 2.56 -11.37
C LEU A 113 11.48 3.51 -12.54
N VAL A 114 11.32 2.94 -13.73
CA VAL A 114 11.08 3.70 -14.95
C VAL A 114 9.94 3.06 -15.71
N ALA A 115 8.96 3.85 -16.12
CA ALA A 115 7.87 3.34 -16.92
C ALA A 115 8.18 3.47 -18.41
N VAL A 116 7.60 2.57 -19.20
CA VAL A 116 7.83 2.58 -20.63
C VAL A 116 6.52 2.67 -21.39
N GLY A 117 5.63 1.71 -21.18
CA GLY A 117 4.38 1.69 -21.89
C GLY A 117 3.71 0.33 -21.78
N THR A 118 2.72 0.11 -22.63
CA THR A 118 1.97 -1.13 -22.64
C THR A 118 2.62 -2.15 -23.55
N VAL A 119 2.43 -3.42 -23.24
CA VAL A 119 2.92 -4.52 -24.06
C VAL A 119 1.71 -5.23 -24.64
N GLY A 120 1.63 -5.32 -25.96
CA GLY A 120 0.45 -5.87 -26.58
C GLY A 120 -0.71 -4.89 -26.44
N THR A 121 -1.90 -5.37 -26.81
CA THR A 121 -3.10 -4.55 -26.70
C THR A 121 -4.31 -5.46 -26.71
N THR A 122 -5.25 -5.20 -25.79
CA THR A 122 -6.53 -5.89 -25.76
C THR A 122 -7.70 -4.92 -25.84
N ASN A 123 -7.43 -3.65 -26.13
CA ASN A 123 -8.46 -2.62 -26.29
C ASN A 123 -9.26 -2.39 -25.02
N TYR A 124 -8.88 -3.05 -23.93
CA TYR A 124 -9.43 -2.77 -22.62
C TYR A 124 -8.60 -1.74 -21.85
N GLU A 125 -7.51 -1.26 -22.46
CA GLU A 125 -6.57 -0.42 -21.72
C GLU A 125 -7.21 0.88 -21.25
N SER A 126 -8.24 1.35 -21.95
CA SER A 126 -8.89 2.59 -21.56
C SER A 126 -9.74 2.45 -20.30
N TYR A 127 -9.92 1.23 -19.80
CA TYR A 127 -10.72 1.01 -18.60
C TYR A 127 -9.88 0.95 -17.33
N ILE A 128 -8.56 1.11 -17.43
CA ILE A 128 -7.70 1.22 -16.26
C ILE A 128 -7.54 2.71 -15.98
N LYS A 129 -8.34 3.23 -15.05
CA LYS A 129 -8.30 4.67 -14.77
C LYS A 129 -7.09 5.08 -13.95
N ASP A 130 -6.34 4.13 -13.39
CA ASP A 130 -5.16 4.45 -12.61
C ASP A 130 -4.40 3.15 -12.34
N PHE A 131 -3.09 3.28 -12.20
CA PHE A 131 -2.22 2.16 -11.89
C PHE A 131 -0.89 2.70 -11.39
N ARG A 132 -0.47 2.28 -10.21
CA ARG A 132 0.72 2.81 -9.58
C ARG A 132 1.58 1.68 -9.05
N VAL A 133 2.90 1.81 -9.22
CA VAL A 133 3.88 0.94 -8.60
C VAL A 133 4.78 1.80 -7.75
N TYR A 134 4.96 1.43 -6.49
CA TYR A 134 5.57 2.34 -5.53
C TYR A 134 6.31 1.56 -4.46
N PHE A 135 7.36 2.18 -3.94
CA PHE A 135 8.12 1.59 -2.84
C PHE A 135 7.28 1.59 -1.57
N VAL A 136 7.58 0.66 -0.68
CA VAL A 136 6.82 0.54 0.56
C VAL A 136 7.73 0.72 1.76
N ASN A 137 8.73 -0.15 1.91
CA ASN A 137 9.52 -0.13 3.15
C ASN A 137 10.44 1.08 3.21
N PRO A 138 11.33 1.33 2.23
CA PRO A 138 11.99 2.64 2.19
C PRO A 138 11.24 3.58 1.27
N THR A 139 11.30 4.89 1.53
CA THR A 139 10.60 5.88 0.73
C THR A 139 11.58 6.93 0.22
N THR A 140 11.13 7.70 -0.77
CA THR A 140 11.98 8.69 -1.41
C THR A 140 11.10 9.71 -2.12
N THR A 141 11.71 10.47 -3.04
CA THR A 141 11.06 11.43 -3.92
C THR A 141 10.17 10.66 -4.88
N PRO A 142 9.46 11.29 -5.86
CA PRO A 142 8.03 11.00 -6.05
C PRO A 142 7.55 9.63 -5.60
N ASN A 143 8.29 8.57 -5.91
CA ASN A 143 8.07 7.26 -5.29
C ASN A 143 6.80 6.57 -5.81
N TYR A 144 6.46 6.85 -7.06
CA TYR A 144 5.41 6.08 -7.74
C TYR A 144 5.40 6.39 -9.22
N VAL A 145 5.29 5.37 -10.06
CA VAL A 145 5.04 5.54 -11.49
C VAL A 145 3.58 5.25 -11.75
N GLN A 146 2.94 6.10 -12.55
CA GLN A 146 1.50 6.06 -12.70
C GLN A 146 1.13 5.96 -14.17
N PHE A 147 0.26 5.01 -14.49
CA PHE A 147 -0.28 4.86 -15.84
C PHE A 147 -1.73 5.31 -15.86
N GLN A 148 -2.10 6.07 -16.87
CA GLN A 148 -3.47 6.53 -17.07
C GLN A 148 -3.99 5.83 -18.33
N GLY A 149 -4.55 4.64 -18.16
CA GLY A 149 -4.98 3.87 -19.30
C GLY A 149 -3.81 3.37 -20.12
N THR A 150 -3.63 3.93 -21.31
CA THR A 150 -2.52 3.58 -22.17
C THR A 150 -1.32 4.52 -22.03
N SER A 151 -1.58 5.79 -21.74
CA SER A 151 -0.51 6.77 -21.67
C SER A 151 0.30 6.60 -20.38
N VAL A 152 1.26 7.50 -20.17
CA VAL A 152 2.09 7.53 -18.99
C VAL A 152 2.05 8.94 -18.43
N THR A 153 1.74 9.07 -17.13
CA THR A 153 1.64 10.37 -16.51
C THR A 153 2.73 10.65 -15.49
N GLN A 154 3.53 9.66 -15.13
CA GLN A 154 4.68 9.86 -14.25
C GLN A 154 5.78 8.92 -14.71
N SER A 155 6.85 9.49 -15.26
CA SER A 155 7.85 8.68 -15.94
C SER A 155 8.69 7.86 -14.96
N ALA A 156 9.41 8.52 -14.08
CA ALA A 156 10.38 7.85 -13.23
C ALA A 156 10.27 8.34 -11.80
N THR A 157 10.73 7.50 -10.87
CA THR A 157 10.75 7.82 -9.46
C THR A 157 12.15 8.28 -9.05
N GLY A 158 12.30 8.57 -7.76
CA GLY A 158 13.60 8.87 -7.22
C GLY A 158 14.36 7.62 -6.84
N SER A 159 15.60 7.83 -6.40
CA SER A 159 16.45 6.72 -6.04
C SER A 159 16.26 6.34 -4.57
N VAL A 160 16.57 5.09 -4.26
CA VAL A 160 16.47 4.57 -2.91
C VAL A 160 17.68 3.67 -2.65
N SER A 161 18.19 3.69 -1.43
CA SER A 161 19.43 3.00 -1.10
C SER A 161 19.14 1.63 -0.51
N ILE A 162 19.78 0.61 -1.09
CA ILE A 162 19.74 -0.75 -0.58
C ILE A 162 21.15 -1.15 -0.19
N GLY A 163 21.33 -1.59 1.05
CA GLY A 163 22.63 -2.01 1.53
C GLY A 163 22.82 -3.51 1.34
N PRO A 164 23.83 -4.07 2.00
CA PRO A 164 24.07 -5.51 1.89
C PRO A 164 23.13 -6.33 2.75
N GLY A 165 22.17 -7.00 2.11
CA GLY A 165 21.32 -7.94 2.81
C GLY A 165 19.89 -7.50 3.06
N GLN A 166 19.69 -6.27 3.50
CA GLN A 166 18.33 -5.80 3.77
C GLN A 166 17.62 -5.49 2.46
N CYS A 167 16.29 -5.58 2.48
CA CYS A 167 15.49 -5.55 1.27
C CYS A 167 14.47 -4.44 1.28
N ALA A 168 14.35 -3.76 0.14
CA ALA A 168 13.26 -2.84 -0.11
C ALA A 168 12.09 -3.60 -0.70
N THR A 169 10.88 -3.09 -0.47
CA THR A 169 9.66 -3.77 -0.87
C THR A 169 8.86 -2.90 -1.82
N VAL A 170 8.25 -3.52 -2.82
CA VAL A 170 7.48 -2.84 -3.85
C VAL A 170 6.03 -3.27 -3.77
N GLY A 171 5.13 -2.32 -3.66
CA GLY A 171 3.71 -2.56 -3.57
C GLY A 171 3.02 -2.47 -4.92
N ALA A 172 1.76 -2.07 -4.90
CA ALA A 172 0.98 -1.96 -6.12
C ALA A 172 -0.27 -1.14 -5.83
N TYR A 173 -0.96 -0.76 -6.90
CA TYR A 173 -2.19 0.01 -6.80
C TYR A 173 -2.92 -0.01 -8.13
N VAL A 174 -4.21 -0.31 -8.12
CA VAL A 174 -4.98 -0.44 -9.35
C VAL A 174 -6.41 0.01 -9.08
N LEU A 175 -7.05 0.59 -10.10
CA LEU A 175 -8.44 1.00 -10.02
C LEU A 175 -9.07 0.78 -11.38
N VAL A 176 -9.92 -0.23 -11.48
CA VAL A 176 -10.57 -0.60 -12.73
C VAL A 176 -11.87 0.16 -12.85
N ASP A 177 -12.08 0.80 -14.00
CA ASP A 177 -13.32 1.52 -14.24
C ASP A 177 -14.49 0.55 -14.19
N PRO A 178 -15.51 0.78 -13.37
CA PRO A 178 -16.56 -0.22 -13.18
C PRO A 178 -17.49 -0.40 -14.36
N SER A 179 -17.30 0.36 -15.44
CA SER A 179 -18.06 0.14 -16.65
C SER A 179 -17.52 -1.01 -17.48
N LEU A 180 -16.70 -1.86 -16.87
CA LEU A 180 -16.11 -2.98 -17.58
C LEU A 180 -17.21 -3.92 -18.07
N PRO A 181 -17.08 -4.46 -19.28
CA PRO A 181 -18.08 -5.42 -19.76
C PRO A 181 -18.17 -6.63 -18.86
N THR A 182 -19.39 -7.15 -18.71
CA THR A 182 -19.63 -8.22 -17.76
C THR A 182 -18.83 -9.47 -18.09
N SER A 183 -18.74 -9.81 -19.38
CA SER A 183 -18.04 -11.03 -19.79
C SER A 183 -16.57 -11.02 -19.42
N ALA A 184 -15.96 -9.86 -19.22
CA ALA A 184 -14.56 -9.76 -18.85
C ALA A 184 -14.36 -9.50 -17.36
N ARG A 185 -15.27 -9.98 -16.52
CA ARG A 185 -15.19 -9.75 -15.09
C ARG A 185 -14.82 -11.01 -14.30
N ASP A 186 -14.87 -12.19 -14.92
CA ASP A 186 -14.70 -13.44 -14.19
C ASP A 186 -13.26 -13.71 -13.78
N GLY A 187 -12.35 -12.75 -13.95
CA GLY A 187 -10.99 -12.91 -13.49
C GLY A 187 -10.06 -13.63 -14.43
N LYS A 188 -10.50 -13.97 -15.65
CA LYS A 188 -9.64 -14.62 -16.62
C LYS A 188 -9.02 -13.64 -17.60
N THR A 189 -9.83 -12.80 -18.22
CA THR A 189 -9.35 -11.94 -19.29
C THR A 189 -8.32 -10.95 -18.78
N VAL A 190 -7.20 -10.86 -19.47
CA VAL A 190 -6.14 -9.91 -19.13
C VAL A 190 -6.46 -8.59 -19.82
N ILE A 191 -6.49 -7.51 -19.04
CA ILE A 191 -6.92 -6.21 -19.54
C ILE A 191 -5.79 -5.21 -19.64
N ALA A 192 -4.56 -5.60 -19.32
CA ALA A 192 -3.45 -4.66 -19.38
C ALA A 192 -2.13 -5.42 -19.28
N THR A 193 -1.07 -4.79 -19.77
CA THR A 193 0.27 -5.33 -19.65
C THR A 193 1.24 -4.15 -19.68
N TYR A 194 1.67 -3.71 -18.50
CA TYR A 194 2.45 -2.48 -18.37
C TYR A 194 3.93 -2.81 -18.20
N GLN A 195 4.77 -2.02 -18.86
CA GLN A 195 6.22 -2.19 -18.80
C GLN A 195 6.74 -1.36 -17.65
N VAL A 196 7.43 -2.00 -16.71
CA VAL A 196 8.05 -1.29 -15.58
C VAL A 196 9.49 -1.77 -15.47
N ASN A 197 10.42 -0.91 -15.89
CA ASN A 197 11.83 -1.22 -15.74
C ASN A 197 12.29 -0.93 -14.33
N VAL A 198 13.18 -1.75 -13.81
CA VAL A 198 13.81 -1.55 -12.51
C VAL A 198 15.28 -1.31 -12.75
N VAL A 199 15.72 -0.06 -12.62
CA VAL A 199 17.08 0.34 -12.96
C VAL A 199 17.87 0.48 -11.67
N PHE A 200 18.95 -0.29 -11.56
CA PHE A 200 19.84 -0.22 -10.43
C PHE A 200 21.02 0.68 -10.77
N SER A 201 21.89 0.91 -9.79
CA SER A 201 23.06 1.75 -9.99
C SER A 201 24.03 1.54 -8.83
N THR A 202 25.15 2.25 -8.89
CA THR A 202 26.12 2.26 -7.81
C THR A 202 26.41 3.67 -7.30
N SER A 203 25.72 4.66 -7.84
CA SER A 203 25.79 6.04 -7.37
C SER A 203 24.38 6.59 -7.23
N PRO A 204 24.15 7.47 -6.25
CA PRO A 204 22.82 8.05 -6.03
C PRO A 204 22.31 8.84 -7.24
N THR B 25 -49.29 67.70 14.72
CA THR B 25 -50.67 67.79 14.24
C THR B 25 -50.96 66.77 13.15
N LEU B 26 -51.91 65.88 13.40
CA LEU B 26 -52.47 64.98 12.38
C LEU B 26 -51.36 64.15 11.73
N THR B 27 -50.77 63.29 12.54
CA THR B 27 -49.81 62.29 12.07
C THR B 27 -50.57 61.01 11.77
N PHE B 28 -50.88 60.78 10.48
CA PHE B 28 -51.82 59.76 10.04
C PHE B 28 -50.77 58.68 9.67
N THR B 29 -50.95 57.48 10.20
CA THR B 29 -50.05 56.35 9.92
C THR B 29 -50.51 55.59 8.68
N ASN B 30 -49.66 54.67 8.21
CA ASN B 30 -50.08 53.79 7.12
C ASN B 30 -49.80 52.30 7.37
N LEU B 31 -48.65 51.96 7.94
CA LEU B 31 -48.27 50.58 8.28
C LEU B 31 -48.27 49.69 7.02
N THR B 32 -47.28 49.94 6.17
CA THR B 32 -47.03 49.13 4.98
C THR B 32 -46.00 48.03 5.25
N TYR B 33 -46.09 46.97 4.45
CA TYR B 33 -45.20 45.81 4.54
C TYR B 33 -44.24 45.77 3.36
N TRP B 34 -43.28 44.85 3.44
CA TRP B 34 -42.38 44.56 2.33
C TRP B 34 -42.01 43.09 2.35
N LEU B 35 -41.96 42.48 1.16
CA LEU B 35 -41.52 41.10 0.99
C LEU B 35 -40.46 41.05 -0.09
N ILE B 36 -39.40 40.28 0.15
CA ILE B 36 -38.26 40.22 -0.74
C ILE B 36 -38.06 38.77 -1.18
N ASN B 37 -37.96 38.57 -2.50
CA ASN B 37 -37.67 37.27 -3.07
C ASN B 37 -36.31 37.34 -3.77
N ALA B 38 -35.68 36.19 -3.95
CA ALA B 38 -34.33 36.12 -4.49
C ALA B 38 -34.31 35.28 -5.76
N THR B 39 -33.48 35.68 -6.72
CA THR B 39 -33.36 34.95 -7.97
C THR B 39 -31.96 35.17 -8.53
N LEU B 40 -31.60 34.35 -9.50
CA LEU B 40 -30.29 34.45 -10.12
C LEU B 40 -30.18 35.79 -10.86
N PRO B 41 -28.99 36.39 -10.88
CA PRO B 41 -28.83 37.63 -11.64
C PRO B 41 -28.88 37.33 -13.14
N PRO B 42 -29.83 37.94 -13.86
CA PRO B 42 -29.95 37.66 -15.29
C PRO B 42 -28.75 38.06 -16.13
N ALA B 43 -27.95 39.04 -15.72
CA ALA B 43 -26.88 39.52 -16.58
C ALA B 43 -25.74 38.51 -16.64
N MET B 44 -25.08 38.26 -15.50
CA MET B 44 -23.98 37.32 -15.41
C MET B 44 -22.81 37.70 -16.33
N LYS B 45 -21.71 36.95 -16.27
CA LYS B 45 -20.61 37.11 -17.20
C LYS B 45 -20.43 35.84 -18.00
N TYR B 46 -19.46 35.89 -18.92
CA TYR B 46 -19.01 34.75 -19.70
C TYR B 46 -17.55 34.94 -20.02
N PRO B 47 -16.76 33.86 -20.01
CA PRO B 47 -15.30 34.00 -20.05
C PRO B 47 -14.73 34.44 -21.39
N GLY B 48 -15.52 34.45 -22.46
CA GLY B 48 -14.99 34.87 -23.74
C GLY B 48 -14.07 33.83 -24.34
N THR B 49 -13.36 34.25 -25.40
CA THR B 49 -12.49 33.37 -26.15
C THR B 49 -11.00 33.62 -25.95
N ASP B 50 -10.58 34.87 -25.70
CA ASP B 50 -9.16 35.15 -25.52
C ASP B 50 -8.61 34.56 -24.24
N THR B 51 -9.46 34.03 -23.37
CA THR B 51 -9.00 33.23 -22.24
C THR B 51 -8.52 31.85 -22.66
N THR B 52 -8.48 31.59 -23.98
CA THR B 52 -8.06 30.31 -24.53
C THR B 52 -6.87 30.48 -25.46
N ILE B 53 -5.89 31.30 -25.04
CA ILE B 53 -4.59 31.30 -25.70
C ILE B 53 -3.88 29.98 -25.40
N THR B 54 -4.38 29.23 -24.41
CA THR B 54 -3.94 27.88 -24.05
C THR B 54 -2.41 27.75 -24.02
N ARG B 55 -1.72 28.86 -23.76
CA ARG B 55 -0.26 28.86 -23.77
C ARG B 55 0.28 30.05 -23.01
N SER B 56 1.48 29.89 -22.47
CA SER B 56 2.33 30.99 -22.05
C SER B 56 3.71 30.42 -21.85
N ASP B 57 4.66 31.32 -21.62
CA ASP B 57 6.01 30.94 -21.25
C ASP B 57 6.06 30.64 -19.76
N SER B 58 7.26 30.51 -19.20
CA SER B 58 7.42 30.21 -17.78
C SER B 58 7.12 31.46 -16.95
N SER B 59 5.84 31.83 -16.94
CA SER B 59 5.36 32.98 -16.19
C SER B 59 4.51 32.59 -14.99
N GLY B 60 4.47 31.32 -14.63
CA GLY B 60 3.60 30.87 -13.56
C GLY B 60 2.17 30.73 -14.05
N TYR B 61 1.52 31.86 -14.32
CA TYR B 61 0.24 31.84 -15.00
C TYR B 61 0.43 31.27 -16.40
N ASN B 62 -0.21 30.14 -16.67
CA ASN B 62 -0.05 29.45 -17.94
C ASN B 62 -0.91 30.02 -19.06
N ARG B 63 -1.73 31.03 -18.75
CA ARG B 63 -2.60 31.66 -19.73
C ARG B 63 -2.29 33.15 -19.75
N TYR B 64 -3.02 33.88 -20.60
CA TYR B 64 -2.90 35.33 -20.66
C TYR B 64 -4.15 36.08 -20.22
N VAL B 65 -5.30 35.41 -20.17
CA VAL B 65 -6.55 36.02 -19.75
C VAL B 65 -7.22 35.08 -18.75
N TYR B 66 -7.53 35.61 -17.56
CA TYR B 66 -8.23 34.87 -16.53
C TYR B 66 -9.58 35.51 -16.26
N VAL B 67 -10.63 34.71 -16.29
CA VAL B 67 -11.98 35.13 -15.93
C VAL B 67 -12.44 34.24 -14.78
N SER B 68 -12.72 34.86 -13.64
CA SER B 68 -13.12 34.11 -12.45
C SER B 68 -13.87 35.05 -11.52
N TYR B 69 -14.61 34.45 -10.59
CA TYR B 69 -15.43 35.19 -9.65
C TYR B 69 -15.27 34.60 -8.25
N TYR B 70 -15.29 35.48 -7.25
CA TYR B 70 -15.22 35.07 -5.85
C TYR B 70 -16.16 35.93 -5.02
N TYR B 71 -16.64 35.35 -3.92
CA TYR B 71 -17.60 36.03 -3.05
C TYR B 71 -16.84 36.83 -2.01
N ASP B 72 -17.04 38.15 -2.01
CA ASP B 72 -16.43 38.99 -0.99
C ASP B 72 -17.27 38.95 0.28
N PRO B 73 -16.73 38.46 1.40
CA PRO B 73 -17.55 38.38 2.62
C PRO B 73 -17.76 39.73 3.28
N SER B 74 -16.95 40.74 2.94
CA SER B 74 -17.09 42.05 3.59
C SER B 74 -18.38 42.74 3.18
N THR B 75 -18.76 42.64 1.91
CA THR B 75 -19.91 43.37 1.40
C THR B 75 -20.87 42.54 0.56
N GLY B 76 -20.54 41.31 0.22
CA GLY B 76 -21.45 40.47 -0.54
C GLY B 76 -21.60 40.83 -2.00
N TYR B 77 -20.52 41.22 -2.67
CA TYR B 77 -20.58 41.49 -4.10
C TYR B 77 -20.07 40.30 -4.89
N ASN B 78 -20.76 39.99 -5.99
CA ASN B 78 -20.34 38.93 -6.89
C ASN B 78 -19.28 39.47 -7.86
N VAL B 79 -18.14 39.85 -7.27
CA VAL B 79 -17.06 40.44 -8.05
C VAL B 79 -16.44 39.38 -8.96
N THR B 80 -16.08 39.79 -10.17
CA THR B 80 -15.47 38.91 -11.16
C THR B 80 -14.11 39.51 -11.55
N ARG B 81 -13.05 39.06 -10.88
CA ARG B 81 -11.71 39.54 -11.17
C ARG B 81 -11.25 39.09 -12.55
N ILE B 82 -10.49 39.96 -13.21
CA ILE B 82 -9.91 39.66 -14.52
C ILE B 82 -8.43 39.96 -14.46
N SER B 83 -7.63 39.01 -14.93
CA SER B 83 -6.17 39.17 -15.00
C SER B 83 -5.77 39.39 -16.45
N ILE B 84 -5.07 40.49 -16.70
CA ILE B 84 -4.65 40.87 -18.04
C ILE B 84 -3.14 41.07 -18.04
N VAL B 85 -2.47 40.47 -19.02
CA VAL B 85 -1.03 40.59 -19.14
C VAL B 85 -0.72 41.79 -20.04
N GLY B 86 0.15 42.68 -19.56
CA GLY B 86 0.54 43.85 -20.30
C GLY B 86 1.96 43.72 -20.83
N PHE B 87 2.18 44.26 -22.02
CA PHE B 87 3.47 44.17 -22.69
C PHE B 87 4.21 45.49 -22.53
N THR B 88 5.38 45.43 -21.89
CA THR B 88 6.14 46.64 -21.60
C THR B 88 6.54 47.35 -22.88
N GLY B 89 6.40 48.67 -22.90
CA GLY B 89 6.73 49.47 -24.05
C GLY B 89 5.90 49.18 -25.28
N ASP B 90 4.76 48.52 -25.14
CA ASP B 90 3.98 48.10 -26.29
C ASP B 90 2.49 48.12 -25.94
N PRO B 91 1.70 48.97 -26.59
CA PRO B 91 0.25 48.95 -26.35
C PRO B 91 -0.34 47.62 -26.76
N THR B 92 -1.15 47.04 -25.87
CA THR B 92 -1.74 45.73 -26.08
C THR B 92 -3.24 45.89 -26.25
N ASN B 93 -3.78 45.30 -27.33
CA ASN B 93 -5.18 45.44 -27.69
C ASN B 93 -5.85 44.07 -27.67
N TYR B 94 -6.96 43.98 -26.95
CA TYR B 94 -7.76 42.76 -26.87
C TYR B 94 -9.07 42.97 -27.62
N THR B 95 -9.73 41.86 -27.94
CA THR B 95 -10.98 41.94 -28.71
C THR B 95 -12.12 41.13 -28.12
N ASN B 96 -11.83 40.05 -27.41
CA ASN B 96 -12.89 39.17 -26.88
C ASN B 96 -12.49 38.67 -25.50
N VAL B 97 -12.88 39.41 -24.46
CA VAL B 97 -12.56 39.06 -23.08
C VAL B 97 -13.83 38.68 -22.31
N LEU B 98 -14.77 39.61 -22.20
CA LEU B 98 -16.00 39.40 -21.46
C LEU B 98 -17.20 39.46 -22.39
N GLN B 99 -18.15 38.56 -22.18
CA GLN B 99 -19.42 38.56 -22.90
C GLN B 99 -20.53 38.82 -21.90
N LEU B 100 -21.38 39.81 -22.19
CA LEU B 100 -22.47 40.20 -21.32
C LEU B 100 -23.79 40.05 -22.08
N CYS B 101 -24.70 39.25 -21.52
CA CYS B 101 -26.02 39.06 -22.12
C CYS B 101 -26.95 38.41 -21.12
N ASN B 102 -28.18 38.91 -21.04
CA ASN B 102 -29.18 38.31 -20.18
C ASN B 102 -29.58 36.93 -20.68
N LYS B 103 -29.78 36.02 -19.73
CA LYS B 103 -30.24 34.67 -20.04
C LYS B 103 -31.70 34.45 -19.65
N TYR B 104 -32.25 35.26 -18.75
CA TYR B 104 -33.59 35.05 -18.24
C TYR B 104 -34.52 36.23 -18.49
N TYR B 105 -34.00 37.43 -18.64
CA TYR B 105 -34.83 38.61 -18.81
C TYR B 105 -35.26 38.71 -20.27
N SER B 106 -36.57 38.56 -20.51
CA SER B 106 -37.10 38.14 -21.80
C SER B 106 -36.86 39.14 -22.93
N GLY B 107 -36.86 40.43 -22.66
CA GLY B 107 -36.80 41.43 -23.72
C GLY B 107 -35.41 41.99 -23.91
N THR B 108 -35.35 43.33 -23.96
CA THR B 108 -34.13 44.05 -24.30
C THR B 108 -33.61 44.80 -23.08
N LEU B 109 -32.32 44.67 -22.81
CA LEU B 109 -31.66 45.44 -21.76
C LEU B 109 -31.06 46.72 -22.32
N TYR B 110 -30.49 47.51 -21.42
CA TYR B 110 -29.60 48.61 -21.76
C TYR B 110 -28.45 48.59 -20.76
N ALA B 111 -27.23 48.59 -21.29
CA ALA B 111 -26.04 48.45 -20.46
C ALA B 111 -25.09 49.62 -20.67
N LYS B 112 -24.23 49.83 -19.68
CA LYS B 112 -23.26 50.91 -19.75
C LYS B 112 -22.11 50.60 -18.80
N LEU B 113 -21.01 51.30 -18.99
CA LEU B 113 -19.80 51.10 -18.20
C LEU B 113 -19.50 52.36 -17.40
N VAL B 114 -19.25 52.19 -16.11
CA VAL B 114 -18.93 53.29 -15.22
C VAL B 114 -17.68 52.92 -14.43
N ALA B 115 -16.64 53.75 -14.52
CA ALA B 115 -15.43 53.52 -13.76
C ALA B 115 -15.61 54.01 -12.33
N VAL B 116 -14.78 53.45 -11.43
CA VAL B 116 -14.88 53.80 -10.02
C VAL B 116 -13.54 54.32 -9.52
N GLY B 117 -12.50 53.51 -9.63
CA GLY B 117 -11.20 53.88 -9.12
C GLY B 117 -10.34 52.66 -8.88
N THR B 118 -9.29 52.86 -8.09
CA THR B 118 -8.34 51.80 -7.79
C THR B 118 -8.59 51.21 -6.41
N VAL B 119 -8.14 49.96 -6.23
CA VAL B 119 -8.20 49.27 -4.95
C VAL B 119 -6.79 48.85 -4.57
N GLY B 120 -6.40 49.14 -3.34
CA GLY B 120 -5.06 48.84 -2.89
C GLY B 120 -4.03 49.73 -3.54
N THR B 121 -2.77 49.36 -3.34
CA THR B 121 -1.66 50.15 -3.91
C THR B 121 -0.42 49.26 -3.95
N THR B 122 0.13 49.06 -5.13
CA THR B 122 1.40 48.38 -5.30
C THR B 122 2.56 49.33 -5.53
N ASN B 123 2.32 50.64 -5.46
CA ASN B 123 3.31 51.67 -5.73
C ASN B 123 3.89 51.57 -7.13
N TYR B 124 3.12 51.04 -8.08
CA TYR B 124 3.53 50.92 -9.46
C TYR B 124 2.56 51.60 -10.42
N GLU B 125 1.54 52.29 -9.90
CA GLU B 125 0.55 52.92 -10.76
C GLU B 125 1.15 54.02 -11.63
N SER B 126 2.29 54.58 -11.26
CA SER B 126 2.93 55.60 -12.08
C SER B 126 3.41 55.06 -13.41
N TYR B 127 3.52 53.74 -13.56
CA TYR B 127 4.01 53.13 -14.78
C TYR B 127 2.90 52.82 -15.78
N ILE B 128 1.65 52.81 -15.36
CA ILE B 128 0.54 52.54 -16.28
C ILE B 128 0.21 53.83 -17.01
N LYS B 129 0.79 54.01 -18.19
CA LYS B 129 0.57 55.23 -18.96
C LYS B 129 -0.85 55.32 -19.49
N ASP B 130 -1.52 54.20 -19.70
CA ASP B 130 -2.89 54.22 -20.19
C ASP B 130 -3.53 52.87 -19.91
N PHE B 131 -4.86 52.89 -19.80
CA PHE B 131 -5.65 51.67 -19.65
C PHE B 131 -7.07 51.96 -20.11
N ARG B 132 -7.67 51.02 -20.84
CA ARG B 132 -8.97 51.22 -21.41
C ARG B 132 -9.82 49.96 -21.28
N VAL B 133 -11.13 50.16 -21.17
CA VAL B 133 -12.12 49.08 -21.26
C VAL B 133 -13.20 49.56 -22.21
N TYR B 134 -13.57 48.71 -23.17
CA TYR B 134 -14.40 49.17 -24.27
C TYR B 134 -15.15 48.01 -24.89
N PHE B 135 -16.24 48.33 -25.58
CA PHE B 135 -16.99 47.36 -26.36
C PHE B 135 -16.40 47.23 -27.75
N VAL B 136 -16.68 46.09 -28.39
CA VAL B 136 -16.26 45.88 -29.77
C VAL B 136 -17.44 45.55 -30.67
N ASN B 137 -18.33 44.66 -30.21
CA ASN B 137 -19.38 44.17 -31.09
C ASN B 137 -20.44 45.26 -31.32
N PRO B 138 -21.08 45.82 -30.29
CA PRO B 138 -21.95 46.98 -30.53
C PRO B 138 -21.16 48.28 -30.37
N THR B 139 -21.44 49.24 -31.24
CA THR B 139 -20.80 50.55 -31.20
C THR B 139 -21.79 51.59 -30.72
N THR B 140 -21.30 52.61 -30.03
CA THR B 140 -22.15 53.63 -29.44
C THR B 140 -21.32 54.88 -29.18
N THR B 141 -21.87 55.79 -28.37
CA THR B 141 -21.24 57.01 -27.89
C THR B 141 -20.04 56.58 -27.02
N PRO B 142 -19.21 57.51 -26.47
CA PRO B 142 -17.74 57.30 -26.48
C PRO B 142 -17.26 55.86 -26.48
N ASN B 143 -17.85 55.00 -25.65
CA ASN B 143 -17.66 53.55 -25.76
C ASN B 143 -16.27 53.12 -25.31
N TYR B 144 -15.68 53.87 -24.38
CA TYR B 144 -14.47 53.42 -23.71
C TYR B 144 -14.23 54.23 -22.44
N VAL B 145 -14.01 53.55 -21.33
CA VAL B 145 -13.56 54.18 -20.09
C VAL B 145 -12.05 54.10 -20.05
N GLN B 146 -11.41 55.17 -19.62
CA GLN B 146 -9.97 55.27 -19.65
C GLN B 146 -9.43 55.66 -18.28
N PHE B 147 -8.20 55.19 -18.00
CA PHE B 147 -7.51 55.51 -16.77
C PHE B 147 -6.16 56.14 -17.09
N GLN B 148 -5.63 56.90 -16.13
CA GLN B 148 -4.30 57.49 -16.23
C GLN B 148 -3.58 57.18 -14.92
N GLY B 149 -2.91 56.03 -14.88
CA GLY B 149 -2.24 55.59 -13.68
C GLY B 149 -3.19 55.42 -12.51
N THR B 150 -3.08 56.30 -11.52
CA THR B 150 -3.95 56.26 -10.35
C THR B 150 -5.27 56.99 -10.60
N SER B 151 -5.22 58.17 -11.23
CA SER B 151 -6.41 58.97 -11.42
C SER B 151 -7.24 58.45 -12.61
N VAL B 152 -8.46 58.95 -12.70
CA VAL B 152 -9.41 58.56 -13.74
C VAL B 152 -9.60 59.75 -14.69
N THR B 153 -9.41 59.50 -15.98
CA THR B 153 -9.54 60.55 -16.99
C THR B 153 -10.87 60.51 -17.73
N GLN B 154 -11.51 59.35 -17.84
CA GLN B 154 -12.80 59.22 -18.47
C GLN B 154 -13.77 58.59 -17.49
N SER B 155 -14.92 59.23 -17.29
CA SER B 155 -15.83 58.81 -16.23
C SER B 155 -16.64 57.57 -16.63
N ALA B 156 -17.45 57.69 -17.68
CA ALA B 156 -18.37 56.62 -18.04
C ALA B 156 -18.66 56.66 -19.53
N THR B 157 -19.13 55.53 -20.04
CA THR B 157 -19.49 55.38 -21.44
C THR B 157 -20.98 55.64 -21.61
N GLY B 158 -21.42 55.59 -22.87
CA GLY B 158 -22.84 55.68 -23.16
C GLY B 158 -23.53 54.34 -23.09
N SER B 159 -24.86 54.39 -23.18
CA SER B 159 -25.65 53.18 -23.10
C SER B 159 -25.43 52.30 -24.33
N VAL B 160 -25.51 50.99 -24.12
CA VAL B 160 -25.41 50.02 -25.19
C VAL B 160 -26.59 49.05 -25.07
N SER B 161 -27.16 48.67 -26.22
CA SER B 161 -28.35 47.84 -26.26
C SER B 161 -27.96 46.39 -26.50
N ILE B 162 -28.59 45.49 -25.75
CA ILE B 162 -28.37 44.05 -25.90
C ILE B 162 -29.73 43.35 -25.83
N GLY B 163 -29.87 42.29 -26.62
CA GLY B 163 -31.12 41.57 -26.71
C GLY B 163 -31.01 40.15 -26.18
N PRO B 164 -32.10 39.39 -26.32
CA PRO B 164 -32.10 38.01 -25.78
C PRO B 164 -31.32 37.07 -26.68
N GLY B 165 -30.35 36.39 -26.09
CA GLY B 165 -29.61 35.35 -26.79
C GLY B 165 -28.25 35.76 -27.29
N GLN B 166 -28.14 36.95 -27.86
CA GLN B 166 -26.86 37.47 -28.33
C GLN B 166 -26.20 38.25 -27.20
N CYS B 167 -24.87 38.29 -27.24
CA CYS B 167 -24.09 38.87 -26.15
C CYS B 167 -23.12 39.91 -26.68
N ALA B 168 -23.05 41.05 -25.97
CA ALA B 168 -22.06 42.06 -26.26
C ALA B 168 -20.69 41.59 -25.81
N THR B 169 -19.65 42.17 -26.40
CA THR B 169 -18.28 41.78 -26.13
C THR B 169 -17.49 42.96 -25.58
N VAL B 170 -16.63 42.69 -24.60
CA VAL B 170 -15.84 43.72 -23.94
C VAL B 170 -14.37 43.36 -24.10
N GLY B 171 -13.59 44.31 -24.61
CA GLY B 171 -12.17 44.13 -24.80
C GLY B 171 -11.34 44.81 -23.74
N ALA B 172 -10.09 45.09 -24.08
CA ALA B 172 -9.18 45.75 -23.15
C ALA B 172 -8.08 46.45 -23.94
N TYR B 173 -7.39 47.35 -23.26
CA TYR B 173 -6.28 48.09 -23.86
C TYR B 173 -5.37 48.54 -22.73
N VAL B 174 -4.11 48.13 -22.78
CA VAL B 174 -3.15 48.42 -21.71
C VAL B 174 -1.83 48.85 -22.35
N LEU B 175 -1.14 49.76 -21.68
CA LEU B 175 0.19 50.21 -22.08
C LEU B 175 1.06 50.33 -20.84
N VAL B 176 2.16 49.58 -20.83
CA VAL B 176 3.06 49.54 -19.68
C VAL B 176 4.34 50.28 -20.06
N ASP B 177 4.67 51.30 -19.28
CA ASP B 177 5.89 52.06 -19.52
C ASP B 177 7.09 51.15 -19.23
N PRO B 178 8.05 51.05 -20.14
CA PRO B 178 9.19 50.14 -19.92
C PRO B 178 10.10 50.53 -18.77
N SER B 179 9.74 51.60 -18.05
CA SER B 179 10.49 52.02 -16.87
C SER B 179 10.32 51.06 -15.69
N LEU B 180 9.60 49.96 -15.87
CA LEU B 180 9.42 48.99 -14.80
C LEU B 180 10.75 48.32 -14.48
N PRO B 181 11.12 48.23 -13.20
CA PRO B 181 12.35 47.51 -12.85
C PRO B 181 12.23 46.02 -13.15
N THR B 182 13.38 45.35 -13.11
CA THR B 182 13.41 43.92 -13.42
C THR B 182 12.72 43.08 -12.35
N SER B 183 12.40 43.67 -11.20
CA SER B 183 11.71 42.91 -10.15
C SER B 183 10.34 42.44 -10.61
N ALA B 184 9.54 43.34 -11.19
CA ALA B 184 8.23 42.99 -11.72
C ALA B 184 8.27 42.62 -13.19
N ARG B 185 9.46 42.38 -13.74
CA ARG B 185 9.58 42.04 -15.15
C ARG B 185 8.85 40.75 -15.49
N ASP B 186 8.97 39.74 -14.63
CA ASP B 186 8.43 38.42 -14.94
C ASP B 186 6.91 38.38 -15.00
N GLY B 187 6.24 39.33 -14.35
CA GLY B 187 4.80 39.36 -14.33
C GLY B 187 4.15 38.60 -13.19
N LYS B 188 4.94 37.97 -12.31
CA LYS B 188 4.36 37.31 -11.15
C LYS B 188 3.64 38.31 -10.26
N THR B 189 4.25 39.48 -10.03
CA THR B 189 3.66 40.49 -9.16
C THR B 189 2.61 41.30 -9.93
N VAL B 190 1.46 41.49 -9.30
CA VAL B 190 0.41 42.32 -9.88
C VAL B 190 0.73 43.78 -9.58
N ILE B 191 0.62 44.64 -10.61
CA ILE B 191 0.98 46.04 -10.47
C ILE B 191 -0.22 46.96 -10.55
N ALA B 192 -1.44 46.43 -10.55
CA ALA B 192 -2.61 47.28 -10.66
C ALA B 192 -3.84 46.53 -10.14
N THR B 193 -4.88 47.30 -9.84
CA THR B 193 -6.17 46.75 -9.43
C THR B 193 -7.21 47.83 -9.71
N TYR B 194 -8.06 47.62 -10.71
CA TYR B 194 -8.93 48.65 -11.24
C TYR B 194 -10.39 48.25 -11.08
N GLN B 195 -11.25 49.23 -10.88
CA GLN B 195 -12.68 49.02 -10.73
C GLN B 195 -13.42 49.62 -11.92
N VAL B 196 -14.36 48.88 -12.46
CA VAL B 196 -15.39 49.42 -13.36
C VAL B 196 -16.67 48.67 -13.07
N ASN B 197 -17.75 49.42 -12.86
CA ASN B 197 -19.03 48.84 -12.50
C ASN B 197 -19.95 48.87 -13.71
N VAL B 198 -20.03 47.74 -14.41
CA VAL B 198 -20.90 47.61 -15.58
C VAL B 198 -22.34 47.68 -15.09
N VAL B 199 -23.09 48.65 -15.61
CA VAL B 199 -24.42 48.97 -15.11
C VAL B 199 -25.45 48.46 -16.11
N PHE B 200 -26.15 47.40 -15.72
CA PHE B 200 -27.33 46.93 -16.45
C PHE B 200 -28.48 47.87 -16.16
N SER B 201 -29.42 47.97 -17.09
CA SER B 201 -30.59 48.82 -16.89
C SER B 201 -31.70 48.38 -17.83
N THR B 202 -32.93 48.72 -17.46
CA THR B 202 -34.11 48.45 -18.27
C THR B 202 -34.60 49.68 -19.00
N SER B 203 -33.88 50.79 -18.92
CA SER B 203 -34.23 52.03 -19.59
C SER B 203 -33.06 52.52 -20.41
N PRO B 204 -33.31 53.12 -21.57
CA PRO B 204 -32.26 53.65 -22.44
C PRO B 204 -31.47 54.79 -21.78
N THR C 25 -30.68 -48.40 -3.93
CA THR C 25 -31.34 -49.56 -4.53
C THR C 25 -30.45 -50.79 -4.47
N LEU C 26 -30.57 -51.54 -3.37
CA LEU C 26 -29.81 -52.77 -3.15
C LEU C 26 -28.31 -52.52 -3.27
N THR C 27 -27.86 -51.43 -2.64
CA THR C 27 -26.45 -51.05 -2.64
C THR C 27 -25.75 -51.88 -1.58
N PHE C 28 -24.67 -52.55 -1.98
CA PHE C 28 -24.00 -53.51 -1.12
C PHE C 28 -22.48 -53.34 -1.18
N THR C 29 -21.82 -53.47 -0.04
CA THR C 29 -20.38 -53.30 0.09
C THR C 29 -19.72 -54.61 0.52
N ASN C 30 -18.41 -54.56 0.77
CA ASN C 30 -17.69 -55.73 1.25
C ASN C 30 -16.79 -55.44 2.45
N LEU C 31 -16.31 -54.20 2.60
CA LEU C 31 -15.48 -53.81 3.74
C LEU C 31 -14.24 -54.69 3.84
N THR C 32 -13.38 -54.60 2.85
CA THR C 32 -12.23 -55.49 2.73
C THR C 32 -10.98 -54.89 3.37
N TYR C 33 -10.32 -55.66 4.21
CA TYR C 33 -9.03 -55.33 4.80
C TYR C 33 -7.91 -55.63 3.80
N TRP C 34 -6.96 -54.72 3.71
CA TRP C 34 -5.76 -54.92 2.91
C TRP C 34 -4.52 -54.73 3.75
N LEU C 35 -3.58 -55.66 3.61
CA LEU C 35 -2.30 -55.63 4.31
C LEU C 35 -1.18 -55.73 3.30
N ILE C 36 -0.06 -55.05 3.58
CA ILE C 36 1.06 -54.99 2.65
C ILE C 36 2.33 -55.39 3.38
N ASN C 37 3.32 -55.88 2.63
CA ASN C 37 4.57 -56.34 3.17
C ASN C 37 5.73 -55.72 2.39
N ALA C 38 6.85 -55.52 3.08
CA ALA C 38 8.01 -54.84 2.51
C ALA C 38 9.24 -55.76 2.56
N THR C 39 10.03 -55.72 1.48
CA THR C 39 11.22 -56.56 1.36
C THR C 39 12.14 -55.89 0.35
N LEU C 40 13.38 -56.34 0.30
CA LEU C 40 14.32 -55.85 -0.71
C LEU C 40 13.87 -56.26 -2.10
N PRO C 41 13.80 -55.32 -3.06
CA PRO C 41 13.40 -55.69 -4.41
C PRO C 41 14.37 -56.70 -4.99
N PRO C 42 13.89 -57.62 -5.84
CA PRO C 42 14.73 -58.73 -6.29
C PRO C 42 15.68 -58.38 -7.43
N ALA C 43 15.57 -57.19 -8.02
CA ALA C 43 16.42 -56.87 -9.18
C ALA C 43 17.85 -56.58 -8.75
N MET C 44 18.06 -55.52 -7.97
CA MET C 44 19.36 -55.13 -7.43
C MET C 44 20.33 -54.77 -8.55
N LYS C 45 21.32 -53.92 -8.26
CA LYS C 45 22.28 -53.51 -9.27
C LYS C 45 23.70 -53.73 -8.77
N TYR C 46 24.52 -54.36 -9.61
CA TYR C 46 25.95 -54.48 -9.36
C TYR C 46 26.72 -53.50 -10.26
N PRO C 47 27.85 -52.98 -9.77
CA PRO C 47 28.57 -51.94 -10.54
C PRO C 47 29.27 -52.46 -11.79
N GLY C 48 29.24 -53.75 -12.07
CA GLY C 48 29.92 -54.27 -13.24
C GLY C 48 31.42 -54.32 -13.06
N THR C 49 32.12 -54.33 -14.18
CA THR C 49 33.58 -54.42 -14.22
C THR C 49 34.26 -53.16 -14.70
N ASP C 50 33.61 -52.37 -15.55
CA ASP C 50 34.26 -51.17 -16.07
C ASP C 50 34.32 -50.04 -15.05
N THR C 51 33.92 -50.30 -13.81
CA THR C 51 34.11 -49.33 -12.73
C THR C 51 35.51 -49.42 -12.12
N THR C 52 36.35 -50.33 -12.60
CA THR C 52 37.69 -50.54 -12.08
C THR C 52 38.75 -50.23 -13.13
N ILE C 53 38.47 -49.24 -13.98
CA ILE C 53 39.47 -48.82 -14.96
C ILE C 53 40.67 -48.19 -14.26
N THR C 54 40.44 -47.54 -13.12
CA THR C 54 41.46 -47.03 -12.18
C THR C 54 42.59 -46.27 -12.89
N ARG C 55 42.32 -45.70 -14.05
CA ARG C 55 43.28 -44.92 -14.80
C ARG C 55 42.63 -43.64 -15.29
N SER C 56 43.22 -42.50 -14.94
CA SER C 56 42.61 -41.21 -15.25
C SER C 56 43.65 -40.12 -15.14
N ASP C 57 43.37 -39.01 -15.82
CA ASP C 57 44.17 -37.80 -15.77
C ASP C 57 43.66 -36.90 -14.65
N SER C 58 44.08 -35.63 -14.67
CA SER C 58 43.62 -34.67 -13.66
C SER C 58 42.17 -34.31 -13.93
N SER C 59 41.26 -35.22 -13.60
CA SER C 59 39.85 -35.06 -13.88
C SER C 59 38.99 -34.97 -12.63
N GLY C 60 39.59 -34.87 -11.45
CA GLY C 60 38.83 -34.84 -10.21
C GLY C 60 38.32 -36.22 -9.88
N TYR C 61 37.37 -36.71 -10.68
CA TYR C 61 37.00 -38.12 -10.62
C TYR C 61 38.21 -38.96 -11.00
N ASN C 62 38.50 -39.98 -10.20
CA ASN C 62 39.65 -40.84 -10.44
C ASN C 62 39.28 -42.08 -11.25
N ARG C 63 38.03 -42.21 -11.66
CA ARG C 63 37.58 -43.37 -12.43
C ARG C 63 36.89 -42.87 -13.69
N TYR C 64 36.32 -43.81 -14.44
CA TYR C 64 35.56 -43.48 -15.64
C TYR C 64 34.09 -43.81 -15.53
N VAL C 65 33.72 -44.84 -14.78
CA VAL C 65 32.34 -45.24 -14.58
C VAL C 65 32.05 -45.29 -13.09
N TYR C 66 30.97 -44.64 -12.67
CA TYR C 66 30.56 -44.63 -11.27
C TYR C 66 29.21 -45.30 -11.14
N VAL C 67 29.06 -46.13 -10.11
CA VAL C 67 27.80 -46.79 -9.79
C VAL C 67 27.54 -46.60 -8.31
N SER C 68 26.42 -45.97 -7.98
CA SER C 68 26.01 -45.78 -6.60
C SER C 68 24.51 -45.53 -6.57
N TYR C 69 23.91 -45.75 -5.41
CA TYR C 69 22.48 -45.56 -5.24
C TYR C 69 22.18 -44.83 -3.95
N TYR C 70 21.29 -43.84 -4.04
CA TYR C 70 20.89 -43.04 -2.90
C TYR C 70 19.38 -42.94 -2.84
N TYR C 71 18.86 -42.77 -1.63
CA TYR C 71 17.41 -42.73 -1.42
C TYR C 71 16.90 -41.31 -1.65
N ASP C 72 16.04 -41.16 -2.64
CA ASP C 72 15.46 -39.85 -2.92
C ASP C 72 14.50 -39.45 -1.80
N PRO C 73 14.67 -38.28 -1.20
CA PRO C 73 13.76 -37.88 -0.11
C PRO C 73 12.40 -37.43 -0.59
N SER C 74 12.28 -36.98 -1.84
CA SER C 74 10.99 -36.46 -2.31
C SER C 74 9.99 -37.58 -2.57
N THR C 75 10.43 -38.68 -3.18
CA THR C 75 9.53 -39.72 -3.62
C THR C 75 9.93 -41.13 -3.20
N GLY C 76 11.13 -41.33 -2.67
CA GLY C 76 11.54 -42.64 -2.21
C GLY C 76 11.95 -43.61 -3.31
N TYR C 77 12.35 -43.13 -4.47
CA TYR C 77 12.85 -44.02 -5.51
C TYR C 77 14.28 -44.45 -5.19
N ASN C 78 14.57 -45.73 -5.43
CA ASN C 78 15.93 -46.25 -5.27
C ASN C 78 16.76 -45.77 -6.45
N VAL C 79 17.08 -44.48 -6.44
CA VAL C 79 17.80 -43.86 -7.54
C VAL C 79 19.20 -44.43 -7.62
N THR C 80 19.60 -44.84 -8.83
CA THR C 80 20.94 -45.38 -9.09
C THR C 80 21.61 -44.47 -10.11
N ARG C 81 22.39 -43.52 -9.64
CA ARG C 81 23.11 -42.61 -10.51
C ARG C 81 24.33 -43.29 -11.13
N ILE C 82 24.63 -42.90 -12.37
CA ILE C 82 25.78 -43.41 -13.09
C ILE C 82 26.51 -42.23 -13.71
N SER C 83 27.85 -42.23 -13.59
CA SER C 83 28.69 -41.20 -14.19
C SER C 83 29.46 -41.82 -15.34
N ILE C 84 29.18 -41.36 -16.56
CA ILE C 84 29.83 -41.86 -17.77
C ILE C 84 30.65 -40.74 -18.36
N VAL C 85 31.87 -41.05 -18.77
CA VAL C 85 32.76 -40.09 -19.40
C VAL C 85 32.70 -40.30 -20.91
N GLY C 86 32.44 -39.21 -21.64
CA GLY C 86 32.38 -39.25 -23.09
C GLY C 86 33.51 -38.43 -23.68
N PHE C 87 34.00 -38.87 -24.84
CA PHE C 87 35.12 -38.23 -25.50
C PHE C 87 34.61 -37.37 -26.65
N THR C 88 35.00 -36.10 -26.64
CA THR C 88 34.44 -35.13 -27.58
C THR C 88 34.80 -35.50 -29.01
N GLY C 89 33.82 -35.41 -29.91
CA GLY C 89 34.02 -35.69 -31.30
C GLY C 89 34.46 -37.10 -31.63
N ASP C 90 34.30 -38.04 -30.72
CA ASP C 90 34.85 -39.37 -30.92
C ASP C 90 33.96 -40.38 -30.22
N PRO C 91 33.25 -41.23 -30.98
CA PRO C 91 32.26 -42.11 -30.36
C PRO C 91 32.91 -43.09 -29.39
N THR C 92 32.19 -43.37 -28.30
CA THR C 92 32.67 -44.25 -27.24
C THR C 92 31.64 -45.35 -27.01
N ASN C 93 32.11 -46.60 -26.94
CA ASN C 93 31.24 -47.75 -26.72
C ASN C 93 31.66 -48.46 -25.45
N TYR C 94 30.67 -48.82 -24.63
CA TYR C 94 30.90 -49.56 -23.40
C TYR C 94 30.27 -50.94 -23.49
N THR C 95 30.86 -51.90 -22.78
CA THR C 95 30.40 -53.29 -22.86
C THR C 95 30.01 -53.89 -21.53
N ASN C 96 30.39 -53.27 -20.40
CA ASN C 96 30.04 -53.84 -19.10
C ASN C 96 29.90 -52.68 -18.11
N VAL C 97 28.67 -52.20 -17.93
CA VAL C 97 28.38 -51.12 -16.98
C VAL C 97 27.53 -51.61 -15.83
N LEU C 98 26.33 -52.12 -16.12
CA LEU C 98 25.44 -52.65 -15.11
C LEU C 98 24.92 -54.01 -15.53
N GLN C 99 24.69 -54.88 -14.55
CA GLN C 99 24.11 -56.19 -14.79
C GLN C 99 22.85 -56.32 -13.95
N LEU C 100 21.79 -56.86 -14.56
CA LEU C 100 20.50 -57.01 -13.91
C LEU C 100 20.13 -58.47 -13.84
N CYS C 101 19.74 -58.92 -12.66
CA CYS C 101 19.31 -60.31 -12.47
C CYS C 101 18.63 -60.45 -11.12
N ASN C 102 17.66 -61.35 -11.06
CA ASN C 102 16.99 -61.64 -9.81
C ASN C 102 17.93 -62.36 -8.84
N LYS C 103 17.91 -61.90 -7.58
CA LYS C 103 18.75 -62.49 -6.54
C LYS C 103 17.95 -63.21 -5.47
N TYR C 104 16.67 -62.87 -5.29
CA TYR C 104 15.82 -63.53 -4.32
C TYR C 104 14.63 -64.25 -4.95
N TYR C 105 13.90 -63.60 -5.86
CA TYR C 105 12.92 -64.31 -6.65
C TYR C 105 13.67 -65.21 -7.63
N SER C 106 13.71 -66.51 -7.34
CA SER C 106 14.50 -67.44 -8.13
C SER C 106 13.80 -67.90 -9.40
N GLY C 107 12.93 -67.08 -9.98
CA GLY C 107 12.23 -67.42 -11.20
C GLY C 107 12.88 -66.87 -12.45
N THR C 108 12.23 -67.14 -13.58
CA THR C 108 12.57 -66.54 -14.85
C THR C 108 11.95 -65.14 -14.87
N LEU C 109 12.79 -64.12 -14.70
CA LEU C 109 12.35 -62.74 -14.63
C LEU C 109 12.57 -62.06 -15.96
N TYR C 110 11.56 -61.32 -16.43
CA TYR C 110 11.62 -60.63 -17.70
C TYR C 110 11.88 -59.16 -17.44
N ALA C 111 12.83 -58.58 -18.17
CA ALA C 111 13.21 -57.20 -17.99
C ALA C 111 13.09 -56.45 -19.31
N LYS C 112 12.88 -55.14 -19.22
CA LYS C 112 12.79 -54.29 -20.38
C LYS C 112 13.11 -52.86 -19.98
N LEU C 113 13.79 -52.13 -20.87
CA LEU C 113 14.18 -50.76 -20.63
C LEU C 113 13.23 -49.80 -21.33
N VAL C 114 12.77 -48.79 -20.60
CA VAL C 114 11.90 -47.76 -21.15
C VAL C 114 12.59 -46.41 -20.93
N ALA C 115 12.69 -45.63 -22.01
CA ALA C 115 13.25 -44.29 -21.93
C ALA C 115 12.18 -43.31 -21.45
N VAL C 116 12.59 -42.36 -20.61
CA VAL C 116 11.68 -41.38 -20.02
C VAL C 116 11.86 -40.02 -20.66
N GLY C 117 13.05 -39.45 -20.59
CA GLY C 117 13.31 -38.15 -21.14
C GLY C 117 14.31 -37.41 -20.29
N THR C 118 14.74 -36.26 -20.80
CA THR C 118 15.70 -35.44 -20.08
C THR C 118 15.11 -34.94 -18.78
N VAL C 119 15.96 -34.86 -17.76
CA VAL C 119 15.58 -34.35 -16.44
C VAL C 119 16.61 -33.30 -16.04
N GLY C 120 16.14 -32.24 -15.39
CA GLY C 120 17.01 -31.12 -15.14
C GLY C 120 17.28 -30.37 -16.44
N THR C 121 18.22 -29.43 -16.36
CA THR C 121 18.58 -28.64 -17.53
C THR C 121 19.93 -27.98 -17.28
N THR C 122 20.88 -28.20 -18.18
CA THR C 122 22.15 -27.50 -18.16
C THR C 122 22.38 -26.69 -19.43
N ASN C 123 21.44 -26.71 -20.38
CA ASN C 123 21.53 -26.02 -21.66
C ASN C 123 22.66 -26.53 -22.54
N TYR C 124 23.38 -27.56 -22.10
CA TYR C 124 24.36 -28.24 -22.92
C TYR C 124 23.76 -29.38 -23.73
N GLU C 125 22.49 -29.72 -23.49
CA GLU C 125 21.89 -30.94 -24.02
C GLU C 125 21.83 -30.95 -25.54
N SER C 126 21.97 -29.81 -26.19
CA SER C 126 22.03 -29.80 -27.65
C SER C 126 23.38 -30.26 -28.18
N TYR C 127 24.40 -30.34 -27.33
CA TYR C 127 25.73 -30.71 -27.76
C TYR C 127 25.98 -32.21 -27.73
N ILE C 128 25.03 -33.00 -27.23
CA ILE C 128 25.10 -34.46 -27.30
C ILE C 128 24.32 -34.90 -28.53
N LYS C 129 24.90 -35.80 -29.31
CA LYS C 129 24.32 -36.16 -30.59
C LYS C 129 23.79 -37.58 -30.64
N ASP C 130 24.18 -38.44 -29.70
CA ASP C 130 23.67 -39.81 -29.65
C ASP C 130 24.05 -40.42 -28.32
N PHE C 131 23.10 -41.10 -27.70
CA PHE C 131 23.34 -41.78 -26.43
C PHE C 131 22.42 -42.99 -26.35
N ARG C 132 23.01 -44.17 -26.11
CA ARG C 132 22.26 -45.41 -26.14
C ARG C 132 22.61 -46.28 -24.94
N VAL C 133 21.62 -47.03 -24.47
CA VAL C 133 21.78 -48.00 -23.39
C VAL C 133 21.20 -49.32 -23.88
N TYR C 134 21.99 -50.39 -23.78
CA TYR C 134 21.63 -51.64 -24.44
C TYR C 134 22.22 -52.83 -23.71
N PHE C 135 21.59 -53.99 -23.93
CA PHE C 135 22.09 -55.25 -23.41
C PHE C 135 23.27 -55.73 -24.25
N VAL C 136 24.17 -56.46 -23.60
CA VAL C 136 25.32 -57.07 -24.27
C VAL C 136 25.30 -58.59 -24.13
N ASN C 137 24.95 -59.10 -22.95
CA ASN C 137 25.02 -60.54 -22.74
C ASN C 137 23.82 -61.23 -23.40
N PRO C 138 22.56 -60.86 -23.10
CA PRO C 138 21.45 -61.42 -23.88
C PRO C 138 21.09 -60.56 -25.08
N THR C 139 20.99 -61.18 -26.24
CA THR C 139 20.57 -60.49 -27.47
C THR C 139 19.08 -60.74 -27.69
N THR C 140 18.35 -59.67 -27.98
CA THR C 140 16.90 -59.74 -28.10
C THR C 140 16.44 -58.72 -29.13
N THR C 141 15.15 -58.38 -29.10
CA THR C 141 14.52 -57.38 -29.94
C THR C 141 15.19 -56.04 -29.68
N PRO C 142 14.89 -54.94 -30.44
CA PRO C 142 15.95 -53.99 -30.83
C PRO C 142 17.11 -53.82 -29.87
N ASN C 143 16.83 -53.71 -28.58
CA ASN C 143 17.88 -53.67 -27.55
C ASN C 143 18.75 -52.42 -27.72
N TYR C 144 18.09 -51.28 -27.72
CA TYR C 144 18.76 -49.99 -27.58
C TYR C 144 17.72 -48.88 -27.43
N VAL C 145 18.00 -47.91 -26.56
CA VAL C 145 17.19 -46.70 -26.44
C VAL C 145 18.07 -45.51 -26.80
N GLN C 146 17.62 -44.72 -27.77
CA GLN C 146 18.44 -43.67 -28.34
C GLN C 146 17.89 -42.30 -27.98
N PHE C 147 18.78 -41.39 -27.62
CA PHE C 147 18.42 -40.01 -27.30
C PHE C 147 19.09 -39.10 -28.32
N GLN C 148 18.29 -38.31 -29.03
CA GLN C 148 18.78 -37.33 -29.98
C GLN C 148 18.77 -35.98 -29.28
N GLY C 149 19.85 -35.66 -28.60
CA GLY C 149 19.93 -34.42 -27.85
C GLY C 149 18.94 -34.40 -26.69
N THR C 150 17.91 -33.58 -26.80
CA THR C 150 16.90 -33.49 -25.76
C THR C 150 15.72 -34.42 -26.01
N SER C 151 15.30 -34.56 -27.25
CA SER C 151 14.16 -35.41 -27.58
C SER C 151 14.54 -36.89 -27.46
N VAL C 152 13.52 -37.75 -27.47
CA VAL C 152 13.70 -39.19 -27.40
C VAL C 152 13.20 -39.78 -28.71
N THR C 153 14.07 -40.52 -29.39
CA THR C 153 13.73 -41.13 -30.67
C THR C 153 13.47 -42.63 -30.58
N GLN C 154 13.75 -43.25 -29.43
CA GLN C 154 13.44 -44.66 -29.21
C GLN C 154 12.75 -44.80 -27.87
N SER C 155 11.50 -45.25 -27.90
CA SER C 155 10.67 -45.25 -26.70
C SER C 155 11.16 -46.28 -25.70
N ALA C 156 11.17 -47.56 -26.10
CA ALA C 156 11.51 -48.63 -25.17
C ALA C 156 12.01 -49.83 -25.94
N THR C 157 12.65 -50.74 -25.20
CA THR C 157 13.18 -51.97 -25.76
C THR C 157 12.22 -53.12 -25.47
N GLY C 158 12.54 -54.30 -26.01
CA GLY C 158 11.73 -55.48 -25.76
C GLY C 158 12.14 -56.18 -24.49
N SER C 159 11.40 -57.26 -24.18
CA SER C 159 11.66 -58.02 -22.98
C SER C 159 12.91 -58.89 -23.16
N VAL C 160 13.39 -59.42 -22.03
CA VAL C 160 14.52 -60.34 -22.00
C VAL C 160 14.37 -61.24 -20.79
N SER C 161 14.67 -62.52 -20.97
CA SER C 161 14.52 -63.50 -19.90
C SER C 161 15.78 -63.56 -19.06
N ILE C 162 15.60 -63.57 -17.73
CA ILE C 162 16.70 -63.67 -16.78
C ILE C 162 16.38 -64.78 -15.79
N GLY C 163 17.33 -65.69 -15.61
CA GLY C 163 17.18 -66.77 -14.65
C GLY C 163 17.91 -66.49 -13.35
N PRO C 164 17.88 -67.46 -12.44
CA PRO C 164 18.52 -67.27 -11.12
C PRO C 164 20.03 -67.40 -11.23
N GLY C 165 20.75 -66.31 -10.94
CA GLY C 165 22.19 -66.35 -10.90
C GLY C 165 22.85 -65.70 -12.09
N GLN C 166 22.33 -65.92 -13.29
CA GLN C 166 22.87 -65.29 -14.49
C GLN C 166 22.20 -63.94 -14.69
N CYS C 167 22.97 -62.97 -15.16
CA CYS C 167 22.52 -61.59 -15.22
C CYS C 167 22.70 -61.02 -16.63
N ALA C 168 21.79 -60.13 -17.00
CA ALA C 168 21.87 -59.40 -18.25
C ALA C 168 22.71 -58.14 -18.02
N THR C 169 23.78 -58.00 -18.80
CA THR C 169 24.71 -56.90 -18.64
C THR C 169 24.35 -55.77 -19.61
N VAL C 170 24.59 -54.54 -19.17
CA VAL C 170 24.13 -53.35 -19.88
C VAL C 170 25.34 -52.54 -20.33
N GLY C 171 25.37 -52.20 -21.61
CA GLY C 171 26.42 -51.39 -22.18
C GLY C 171 26.08 -49.92 -22.21
N ALA C 172 26.84 -49.17 -22.99
CA ALA C 172 26.60 -47.74 -23.16
C ALA C 172 27.23 -47.28 -24.47
N TYR C 173 26.81 -46.10 -24.93
CA TYR C 173 27.32 -45.55 -26.18
C TYR C 173 27.11 -44.04 -26.12
N VAL C 174 28.20 -43.28 -26.08
CA VAL C 174 28.15 -41.84 -25.92
C VAL C 174 28.93 -41.19 -27.05
N LEU C 175 28.36 -40.12 -27.63
CA LEU C 175 29.04 -39.33 -28.65
C LEU C 175 28.72 -37.87 -28.40
N VAL C 176 29.75 -37.07 -28.13
CA VAL C 176 29.59 -35.66 -27.82
C VAL C 176 30.12 -34.84 -28.99
N ASP C 177 29.34 -33.87 -29.43
CA ASP C 177 29.74 -33.02 -30.55
C ASP C 177 31.04 -32.30 -30.20
N PRO C 178 32.06 -32.35 -31.06
CA PRO C 178 33.35 -31.75 -30.71
C PRO C 178 33.32 -30.24 -30.57
N SER C 179 32.24 -29.59 -31.00
CA SER C 179 32.12 -28.14 -30.86
C SER C 179 31.84 -27.71 -29.42
N LEU C 180 31.98 -28.62 -28.47
CA LEU C 180 31.77 -28.28 -27.07
C LEU C 180 32.77 -27.21 -26.64
N PRO C 181 32.34 -26.23 -25.86
CA PRO C 181 33.27 -25.19 -25.41
C PRO C 181 34.40 -25.77 -24.58
N THR C 182 35.59 -25.19 -24.73
CA THR C 182 36.77 -25.70 -24.04
C THR C 182 36.61 -25.64 -22.52
N SER C 183 35.93 -24.61 -22.01
CA SER C 183 35.81 -24.44 -20.58
C SER C 183 35.04 -25.57 -19.90
N ALA C 184 34.31 -26.38 -20.65
CA ALA C 184 33.55 -27.49 -20.09
C ALA C 184 34.14 -28.84 -20.43
N ARG C 185 35.35 -28.88 -21.00
CA ARG C 185 35.97 -30.15 -21.38
C ARG C 185 36.82 -30.76 -20.27
N ASP C 186 36.98 -30.06 -19.14
CA ASP C 186 37.87 -30.55 -18.09
C ASP C 186 37.33 -31.77 -17.35
N GLY C 187 36.07 -32.12 -17.53
CA GLY C 187 35.49 -33.28 -16.89
C GLY C 187 34.73 -33.01 -15.61
N LYS C 188 34.87 -31.82 -15.02
CA LYS C 188 34.11 -31.51 -13.81
C LYS C 188 32.64 -31.32 -14.13
N THR C 189 32.33 -30.74 -15.29
CA THR C 189 30.98 -30.28 -15.59
C THR C 189 30.12 -31.41 -16.13
N VAL C 190 28.84 -31.37 -15.81
CA VAL C 190 27.87 -32.34 -16.28
C VAL C 190 27.09 -31.74 -17.44
N ILE C 191 26.99 -32.47 -18.55
CA ILE C 191 26.34 -31.94 -19.74
C ILE C 191 24.98 -32.55 -20.01
N ALA C 192 24.58 -33.59 -19.28
CA ALA C 192 23.30 -34.24 -19.54
C ALA C 192 22.87 -35.03 -18.33
N THR C 193 21.57 -35.35 -18.30
CA THR C 193 21.00 -36.16 -17.21
C THR C 193 19.76 -36.85 -17.76
N TYR C 194 19.88 -38.13 -18.07
CA TYR C 194 18.80 -38.89 -18.70
C TYR C 194 18.20 -39.90 -17.71
N GLN C 195 16.89 -40.03 -17.76
CA GLN C 195 16.15 -41.01 -16.98
C GLN C 195 15.74 -42.16 -17.90
N VAL C 196 16.13 -43.38 -17.54
CA VAL C 196 15.61 -44.58 -18.19
C VAL C 196 15.09 -45.51 -17.10
N ASN C 197 13.94 -46.11 -17.35
CA ASN C 197 13.32 -47.04 -16.42
C ASN C 197 13.39 -48.44 -16.99
N VAL C 198 14.05 -49.34 -16.28
CA VAL C 198 14.06 -50.76 -16.63
C VAL C 198 12.96 -51.44 -15.84
N VAL C 199 12.12 -52.20 -16.54
CA VAL C 199 10.89 -52.75 -15.98
C VAL C 199 11.03 -54.26 -15.91
N PHE C 200 10.99 -54.80 -14.69
CA PHE C 200 10.95 -56.24 -14.48
C PHE C 200 9.57 -56.74 -14.86
N SER C 201 9.46 -58.04 -15.13
CA SER C 201 8.16 -58.63 -15.45
C SER C 201 8.24 -60.14 -15.27
N THR C 202 7.08 -60.74 -14.97
CA THR C 202 6.95 -62.19 -14.90
C THR C 202 6.39 -62.78 -16.19
N SER C 203 6.20 -61.96 -17.22
CA SER C 203 5.68 -62.40 -18.51
C SER C 203 6.53 -61.83 -19.62
N PRO C 204 6.61 -62.53 -20.77
CA PRO C 204 7.36 -62.04 -21.92
C PRO C 204 6.74 -60.79 -22.53
N THR D 25 -16.14 -13.93 62.35
CA THR D 25 -17.30 -13.76 61.50
C THR D 25 -17.10 -14.43 60.15
N LEU D 26 -17.90 -15.46 59.87
CA LEU D 26 -17.84 -16.19 58.61
C LEU D 26 -16.44 -16.77 58.37
N THR D 27 -16.00 -17.64 59.28
CA THR D 27 -14.73 -18.33 59.15
C THR D 27 -15.02 -19.80 58.87
N PHE D 28 -14.39 -20.33 57.83
CA PHE D 28 -14.63 -21.71 57.41
C PHE D 28 -13.39 -22.28 56.73
N THR D 29 -13.15 -23.57 56.97
CA THR D 29 -12.01 -24.31 56.43
C THR D 29 -12.41 -25.02 55.15
N ASN D 30 -11.48 -25.78 54.59
CA ASN D 30 -11.83 -26.58 53.42
C ASN D 30 -11.25 -27.99 53.54
N LEU D 31 -10.24 -28.16 54.40
CA LEU D 31 -9.60 -29.46 54.66
C LEU D 31 -9.01 -30.05 53.37
N THR D 32 -7.98 -29.37 52.89
CA THR D 32 -7.25 -29.83 51.71
C THR D 32 -6.36 -31.03 52.05
N TYR D 33 -6.14 -31.88 51.06
CA TYR D 33 -5.23 -33.02 51.18
C TYR D 33 -4.10 -32.89 50.16
N TRP D 34 -2.88 -33.17 50.60
CA TRP D 34 -1.69 -33.08 49.78
C TRP D 34 -1.10 -34.48 49.59
N LEU D 35 -0.74 -34.81 48.35
CA LEU D 35 -0.14 -36.09 48.01
C LEU D 35 1.10 -35.87 47.18
N ILE D 36 2.16 -36.60 47.53
CA ILE D 36 3.45 -36.48 46.84
C ILE D 36 3.80 -37.82 46.23
N ASN D 37 4.42 -37.79 45.05
CA ASN D 37 4.89 -38.98 44.35
C ASN D 37 6.32 -38.75 43.89
N ALA D 38 7.11 -39.82 43.86
CA ALA D 38 8.54 -39.73 43.62
C ALA D 38 8.92 -40.40 42.32
N THR D 39 9.73 -39.71 41.52
CA THR D 39 10.23 -40.26 40.26
C THR D 39 11.59 -39.62 39.96
N LEU D 40 12.25 -40.16 38.94
CA LEU D 40 13.57 -39.68 38.57
C LEU D 40 13.50 -38.25 38.03
N PRO D 41 14.30 -37.33 38.58
CA PRO D 41 14.49 -36.06 37.90
C PRO D 41 15.11 -36.27 36.53
N PRO D 42 14.57 -35.65 35.50
CA PRO D 42 15.05 -35.95 34.14
C PRO D 42 16.37 -35.26 33.81
N ALA D 43 16.96 -34.56 34.77
CA ALA D 43 18.15 -33.76 34.47
C ALA D 43 19.37 -34.65 34.28
N MET D 44 19.79 -35.36 35.33
CA MET D 44 20.89 -36.31 35.30
C MET D 44 22.23 -35.60 35.00
N LYS D 45 23.34 -36.19 35.41
CA LYS D 45 24.66 -35.63 35.16
C LYS D 45 25.53 -36.63 34.41
N TYR D 46 26.28 -36.14 33.43
CA TYR D 46 27.17 -36.98 32.65
C TYR D 46 28.61 -36.47 32.74
N PRO D 47 29.59 -37.36 32.83
CA PRO D 47 30.96 -36.96 33.17
C PRO D 47 31.69 -36.19 32.07
N GLY D 48 31.16 -36.12 30.86
CA GLY D 48 31.86 -35.42 29.80
C GLY D 48 32.99 -36.24 29.22
N THR D 49 33.73 -35.60 28.31
CA THR D 49 34.84 -36.25 27.62
C THR D 49 36.21 -35.82 28.10
N ASP D 50 36.34 -34.59 28.61
CA ASP D 50 37.63 -34.14 29.13
C ASP D 50 38.08 -34.92 30.36
N THR D 51 37.16 -35.61 31.04
CA THR D 51 37.56 -36.50 32.12
C THR D 51 38.30 -37.73 31.61
N THR D 52 38.25 -37.99 30.30
CA THR D 52 38.96 -39.10 29.68
C THR D 52 40.36 -38.71 29.22
N ILE D 53 40.97 -37.72 29.86
CA ILE D 53 42.33 -37.32 29.51
C ILE D 53 43.29 -38.48 29.74
N THR D 54 43.00 -39.31 30.76
CA THR D 54 43.67 -40.58 31.07
C THR D 54 45.20 -40.44 31.06
N ARG D 55 45.69 -39.23 31.27
CA ARG D 55 47.12 -38.96 31.18
C ARG D 55 47.51 -37.98 32.27
N SER D 56 48.62 -38.27 32.96
CA SER D 56 49.06 -37.43 34.06
C SER D 56 50.54 -37.69 34.32
N ASP D 57 51.24 -36.62 34.68
CA ASP D 57 52.64 -36.71 35.09
C ASP D 57 52.70 -37.18 36.55
N SER D 58 53.83 -36.95 37.20
CA SER D 58 53.99 -37.34 38.59
C SER D 58 53.24 -36.37 39.50
N SER D 59 51.91 -36.40 39.44
CA SER D 59 51.07 -35.51 40.23
C SER D 59 50.09 -36.28 41.12
N GLY D 60 50.30 -37.57 41.32
CA GLY D 60 49.42 -38.36 42.16
C GLY D 60 48.15 -38.80 41.47
N TYR D 61 47.26 -37.85 41.18
CA TYR D 61 46.04 -38.17 40.45
C TYR D 61 46.37 -38.68 39.05
N ASN D 62 45.91 -39.89 38.75
CA ASN D 62 46.09 -40.48 37.43
C ASN D 62 45.22 -39.82 36.38
N ARG D 63 44.26 -39.00 36.78
CA ARG D 63 43.41 -38.25 35.87
C ARG D 63 43.54 -36.76 36.18
N TYR D 64 42.91 -35.94 35.34
CA TYR D 64 42.92 -34.50 35.53
C TYR D 64 41.54 -33.92 35.77
N VAL D 65 40.49 -34.58 35.29
CA VAL D 65 39.12 -34.15 35.51
C VAL D 65 38.36 -35.29 36.19
N TYR D 66 37.72 -35.00 37.31
CA TYR D 66 36.97 -35.98 38.08
C TYR D 66 35.49 -35.60 38.05
N VAL D 67 34.63 -36.59 37.88
CA VAL D 67 33.18 -36.41 37.96
C VAL D 67 32.62 -37.50 38.87
N SER D 68 31.98 -37.08 39.95
CA SER D 68 31.36 -38.01 40.89
C SER D 68 30.22 -37.29 41.60
N TYR D 69 29.31 -38.08 42.17
CA TYR D 69 28.20 -37.52 42.92
C TYR D 69 27.90 -38.38 44.14
N TYR D 70 27.64 -37.72 45.26
CA TYR D 70 27.32 -38.40 46.52
C TYR D 70 26.08 -37.76 47.12
N TYR D 71 25.28 -38.56 47.82
CA TYR D 71 24.07 -38.09 48.45
C TYR D 71 24.41 -37.60 49.85
N ASP D 72 24.57 -36.30 50.00
CA ASP D 72 24.90 -35.73 51.30
C ASP D 72 23.70 -35.84 52.24
N PRO D 73 23.89 -36.32 53.47
CA PRO D 73 22.74 -36.41 54.39
C PRO D 73 22.43 -35.10 55.09
N SER D 74 23.40 -34.20 55.21
CA SER D 74 23.17 -32.96 55.93
C SER D 74 22.12 -32.09 55.26
N THR D 75 22.12 -32.03 53.93
CA THR D 75 21.17 -31.22 53.19
C THR D 75 20.30 -32.01 52.23
N GLY D 76 20.55 -33.31 52.05
CA GLY D 76 19.74 -34.10 51.15
C GLY D 76 19.82 -33.68 49.69
N TYR D 77 21.01 -33.31 49.22
CA TYR D 77 21.19 -32.88 47.84
C TYR D 77 22.07 -33.87 47.09
N ASN D 78 21.72 -34.13 45.83
CA ASN D 78 22.54 -34.96 44.96
C ASN D 78 23.74 -34.12 44.50
N VAL D 79 24.64 -33.88 45.45
CA VAL D 79 25.81 -33.02 45.19
C VAL D 79 26.75 -33.77 44.26
N THR D 80 27.10 -33.14 43.15
CA THR D 80 27.97 -33.73 42.14
C THR D 80 29.34 -33.08 42.23
N ARG D 81 30.38 -33.91 42.28
CA ARG D 81 31.74 -33.45 42.49
C ARG D 81 32.48 -33.40 41.16
N ILE D 82 32.95 -32.21 40.78
CA ILE D 82 33.77 -32.05 39.59
C ILE D 82 35.11 -31.45 40.02
N SER D 83 36.20 -32.04 39.53
CA SER D 83 37.56 -31.60 39.84
C SER D 83 38.22 -31.13 38.55
N ILE D 84 38.77 -29.92 38.58
CA ILE D 84 39.44 -29.32 37.44
C ILE D 84 40.84 -28.89 37.86
N VAL D 85 41.86 -29.45 37.19
CA VAL D 85 43.24 -29.11 37.47
C VAL D 85 43.55 -27.75 36.85
N GLY D 86 44.28 -26.92 37.58
CA GLY D 86 44.66 -25.61 37.12
C GLY D 86 46.14 -25.52 36.77
N PHE D 87 46.51 -24.43 36.12
CA PHE D 87 47.90 -24.12 35.83
C PHE D 87 48.18 -22.66 36.15
N THR D 88 49.19 -22.42 36.98
CA THR D 88 49.56 -21.07 37.38
C THR D 88 50.12 -20.29 36.19
N GLY D 89 49.84 -18.99 36.16
CA GLY D 89 50.30 -18.14 35.09
C GLY D 89 49.79 -18.51 33.72
N ASP D 90 48.65 -19.18 33.64
CA ASP D 90 48.20 -19.76 32.38
C ASP D 90 46.68 -19.88 32.36
N PRO D 91 46.00 -19.17 31.46
CA PRO D 91 44.55 -19.32 31.36
C PRO D 91 44.17 -20.74 31.01
N THR D 92 43.09 -21.23 31.61
CA THR D 92 42.63 -22.60 31.45
C THR D 92 41.27 -22.61 30.78
N ASN D 93 41.11 -23.45 29.77
CA ASN D 93 39.85 -23.57 29.04
C ASN D 93 39.50 -25.04 28.85
N TYR D 94 38.21 -25.32 28.72
CA TYR D 94 37.71 -26.68 28.57
C TYR D 94 36.61 -26.73 27.53
N THR D 95 36.31 -27.94 27.08
CA THR D 95 35.30 -28.17 26.06
C THR D 95 34.11 -28.98 26.55
N ASN D 96 34.36 -30.14 27.15
CA ASN D 96 33.29 -31.04 27.59
C ASN D 96 33.52 -31.37 29.06
N VAL D 97 32.76 -30.73 29.95
CA VAL D 97 32.84 -31.05 31.37
C VAL D 97 31.65 -31.90 31.78
N LEU D 98 30.43 -31.36 31.60
CA LEU D 98 29.22 -32.06 31.98
C LEU D 98 28.18 -31.94 30.88
N GLN D 99 27.35 -32.97 30.75
CA GLN D 99 26.23 -32.97 29.82
C GLN D 99 24.93 -32.99 30.61
N LEU D 100 24.03 -32.05 30.29
CA LEU D 100 22.73 -31.96 30.93
C LEU D 100 21.65 -32.12 29.86
N CYS D 101 20.78 -33.11 30.04
CA CYS D 101 19.70 -33.34 29.09
C CYS D 101 18.68 -34.29 29.70
N ASN D 102 17.45 -34.19 29.20
CA ASN D 102 16.37 -35.03 29.68
C ASN D 102 16.52 -36.46 29.17
N LYS D 103 16.21 -37.40 30.04
CA LYS D 103 16.12 -38.81 29.68
C LYS D 103 14.70 -39.36 29.79
N TYR D 104 13.81 -38.67 30.48
CA TYR D 104 12.43 -39.13 30.65
C TYR D 104 11.38 -38.05 30.41
N TYR D 105 11.71 -36.77 30.52
CA TYR D 105 10.75 -35.70 30.32
C TYR D 105 10.79 -35.22 28.87
N SER D 106 9.66 -35.30 28.18
CA SER D 106 9.59 -35.02 26.76
C SER D 106 9.43 -33.54 26.44
N GLY D 107 9.23 -32.69 27.43
CA GLY D 107 9.02 -31.28 27.20
C GLY D 107 10.31 -30.56 26.81
N THR D 108 10.17 -29.26 26.56
CA THR D 108 11.29 -28.41 26.21
C THR D 108 11.90 -27.85 27.49
N LEU D 109 13.12 -28.25 27.81
CA LEU D 109 13.76 -27.86 29.05
C LEU D 109 14.36 -26.46 28.93
N TYR D 110 14.68 -25.88 30.07
CA TYR D 110 15.33 -24.58 30.15
C TYR D 110 16.27 -24.58 31.34
N ALA D 111 17.54 -24.25 31.09
CA ALA D 111 18.57 -24.35 32.12
C ALA D 111 19.29 -23.03 32.28
N LYS D 112 19.66 -22.74 33.53
CA LYS D 112 20.45 -21.55 33.86
C LYS D 112 21.44 -21.91 34.95
N LEU D 113 22.47 -21.08 35.08
CA LEU D 113 23.47 -21.22 36.13
C LEU D 113 23.43 -20.01 37.05
N VAL D 114 23.43 -20.26 38.36
CA VAL D 114 23.40 -19.21 39.38
C VAL D 114 24.60 -19.40 40.29
N ALA D 115 25.39 -18.34 40.46
CA ALA D 115 26.52 -18.39 41.36
C ALA D 115 26.06 -18.44 42.81
N VAL D 116 26.86 -19.06 43.66
CA VAL D 116 26.57 -19.20 45.08
C VAL D 116 27.65 -18.53 45.93
N GLY D 117 28.88 -18.98 45.83
CA GLY D 117 29.97 -18.43 46.62
C GLY D 117 30.94 -19.50 47.02
N THR D 118 31.92 -19.09 47.82
CA THR D 118 32.97 -19.99 48.28
C THR D 118 32.41 -20.96 49.32
N VAL D 119 32.85 -22.21 49.23
CA VAL D 119 32.49 -23.26 50.19
C VAL D 119 33.77 -23.70 50.88
N GLY D 120 33.80 -23.63 52.20
CA GLY D 120 35.03 -23.89 52.91
C GLY D 120 35.98 -22.72 52.78
N THR D 121 37.23 -22.95 53.18
CA THR D 121 38.26 -21.91 53.11
C THR D 121 39.62 -22.57 53.07
N THR D 122 40.38 -22.31 52.02
CA THR D 122 41.75 -22.79 51.88
C THR D 122 42.78 -21.69 52.10
N ASN D 123 42.34 -20.45 52.31
CA ASN D 123 43.21 -19.29 52.48
C ASN D 123 44.03 -19.02 51.22
N TYR D 124 43.76 -19.77 50.15
CA TYR D 124 44.40 -19.57 48.86
C TYR D 124 43.48 -18.95 47.84
N GLU D 125 42.23 -18.64 48.21
CA GLU D 125 41.26 -18.12 47.26
C GLU D 125 41.67 -16.79 46.66
N SER D 126 42.56 -16.04 47.34
CA SER D 126 43.09 -14.81 46.76
C SER D 126 43.91 -15.09 45.50
N TYR D 127 44.44 -16.30 45.35
CA TYR D 127 45.24 -16.65 44.19
C TYR D 127 44.41 -17.07 42.99
N ILE D 128 43.10 -17.23 43.15
CA ILE D 128 42.21 -17.59 42.05
C ILE D 128 41.56 -16.28 41.58
N LYS D 129 42.19 -15.67 40.57
CA LYS D 129 41.72 -14.37 40.10
C LYS D 129 40.36 -14.48 39.41
N ASP D 130 40.23 -15.45 38.49
CA ASP D 130 39.01 -15.60 37.71
C ASP D 130 38.62 -17.06 37.64
N PHE D 131 37.32 -17.30 37.48
CA PHE D 131 36.79 -18.66 37.34
C PHE D 131 35.45 -18.54 36.61
N ARG D 132 35.39 -19.09 35.40
CA ARG D 132 34.23 -18.94 34.53
C ARG D 132 33.66 -20.29 34.16
N VAL D 133 32.35 -20.44 34.31
CA VAL D 133 31.63 -21.64 33.89
C VAL D 133 30.62 -21.22 32.82
N TYR D 134 30.57 -21.98 31.73
CA TYR D 134 29.83 -21.54 30.55
C TYR D 134 29.31 -22.73 29.77
N PHE D 135 28.20 -22.51 29.05
CA PHE D 135 27.73 -23.49 28.09
C PHE D 135 28.67 -23.55 26.89
N VAL D 136 28.63 -24.68 26.19
CA VAL D 136 29.53 -24.87 25.06
C VAL D 136 28.74 -25.02 23.77
N ASN D 137 27.89 -26.06 23.69
CA ASN D 137 27.16 -26.30 22.45
C ASN D 137 26.06 -25.28 22.23
N PRO D 138 25.12 -25.05 23.17
CA PRO D 138 24.15 -23.96 22.97
C PRO D 138 24.72 -22.63 23.44
N THR D 139 24.52 -21.59 22.64
CA THR D 139 24.99 -20.25 22.95
C THR D 139 23.79 -19.33 23.18
N THR D 140 23.88 -18.49 24.21
CA THR D 140 22.76 -17.67 24.62
C THR D 140 23.30 -16.37 25.22
N THR D 141 22.45 -15.68 25.98
CA THR D 141 22.77 -14.47 26.74
C THR D 141 23.92 -14.79 27.68
N PRO D 142 24.54 -13.79 28.39
CA PRO D 142 26.01 -13.80 28.56
C PRO D 142 26.69 -15.17 28.61
N ASN D 143 26.11 -16.14 29.33
CA ASN D 143 26.59 -17.52 29.29
C ASN D 143 27.99 -17.62 29.89
N TYR D 144 28.17 -17.00 31.05
CA TYR D 144 29.38 -17.14 31.84
C TYR D 144 29.13 -16.51 33.20
N VAL D 145 29.60 -17.18 34.25
CA VAL D 145 29.59 -16.64 35.61
C VAL D 145 31.03 -16.61 36.10
N GLN D 146 31.47 -15.44 36.55
CA GLN D 146 32.85 -15.22 36.95
C GLN D 146 32.93 -14.89 38.42
N PHE D 147 34.03 -15.28 39.04
CA PHE D 147 34.28 -15.01 40.45
C PHE D 147 35.61 -14.29 40.60
N GLN D 148 35.67 -13.36 41.55
CA GLN D 148 36.89 -12.64 41.88
C GLN D 148 37.30 -13.07 43.28
N GLY D 149 38.06 -14.17 43.35
CA GLY D 149 38.44 -14.74 44.63
C GLY D 149 37.24 -15.16 45.44
N THR D 150 36.96 -14.44 46.53
CA THR D 150 35.77 -14.69 47.33
C THR D 150 34.55 -13.97 46.77
N SER D 151 34.72 -12.78 46.22
CA SER D 151 33.61 -12.00 45.70
C SER D 151 33.10 -12.61 44.39
N VAL D 152 31.84 -12.30 44.08
CA VAL D 152 31.17 -12.77 42.88
C VAL D 152 30.85 -11.55 42.01
N THR D 153 31.33 -11.57 40.77
CA THR D 153 31.13 -10.43 39.87
C THR D 153 30.02 -10.64 38.86
N GLN D 154 29.59 -11.88 38.63
CA GLN D 154 28.50 -12.18 37.71
C GLN D 154 27.38 -12.85 38.49
N SER D 155 26.16 -12.32 38.35
CA SER D 155 25.04 -12.82 39.13
C SER D 155 24.60 -14.20 38.65
N ALA D 156 24.16 -14.30 37.40
CA ALA D 156 23.65 -15.55 36.88
C ALA D 156 23.63 -15.49 35.36
N THR D 157 23.47 -16.65 34.74
CA THR D 157 23.37 -16.75 33.30
C THR D 157 21.91 -16.64 32.87
N GLY D 158 21.68 -16.69 31.55
CA GLY D 158 20.33 -16.66 31.00
C GLY D 158 19.81 -18.05 30.70
N SER D 159 18.55 -18.09 30.29
CA SER D 159 17.92 -19.35 29.95
C SER D 159 18.45 -19.87 28.61
N VAL D 160 18.27 -21.16 28.39
CA VAL D 160 18.71 -21.81 27.16
C VAL D 160 17.84 -23.05 26.93
N SER D 161 17.59 -23.34 25.66
CA SER D 161 16.67 -24.40 25.28
C SER D 161 17.41 -25.73 25.16
N ILE D 162 16.84 -26.78 25.76
CA ILE D 162 17.35 -28.14 25.65
C ILE D 162 16.18 -29.04 25.27
N GLY D 163 16.33 -29.76 24.16
CA GLY D 163 15.29 -30.63 23.68
C GLY D 163 15.45 -32.06 24.14
N PRO D 164 14.53 -32.94 23.72
CA PRO D 164 14.62 -34.36 24.09
C PRO D 164 15.65 -35.07 23.21
N GLY D 165 16.69 -35.61 23.84
CA GLY D 165 17.69 -36.39 23.13
C GLY D 165 19.05 -35.75 23.05
N GLN D 166 19.10 -34.45 22.77
CA GLN D 166 20.36 -33.73 22.69
C GLN D 166 20.70 -33.13 24.04
N CYS D 167 22.00 -33.11 24.35
CA CYS D 167 22.47 -32.65 25.65
C CYS D 167 23.39 -31.45 25.50
N ALA D 168 23.08 -30.41 26.27
CA ALA D 168 23.92 -29.21 26.28
C ALA D 168 25.26 -29.52 26.94
N THR D 169 26.29 -28.84 26.47
CA THR D 169 27.64 -29.02 26.98
C THR D 169 28.06 -27.82 27.80
N VAL D 170 28.58 -28.06 29.00
CA VAL D 170 29.00 -27.01 29.91
C VAL D 170 30.52 -27.03 30.00
N GLY D 171 31.14 -25.86 29.82
CA GLY D 171 32.57 -25.74 29.88
C GLY D 171 33.06 -25.08 31.16
N ALA D 172 34.39 -25.01 31.29
CA ALA D 172 35.01 -24.42 32.46
C ALA D 172 36.17 -23.55 32.01
N TYR D 173 36.40 -22.48 32.78
CA TYR D 173 37.51 -21.56 32.51
C TYR D 173 38.10 -21.13 33.84
N VAL D 174 39.41 -21.30 33.98
CA VAL D 174 40.10 -21.09 35.25
C VAL D 174 41.32 -20.21 35.02
N LEU D 175 41.53 -19.25 35.91
CA LEU D 175 42.75 -18.44 35.93
C LEU D 175 43.36 -18.54 37.32
N VAL D 176 44.63 -18.94 37.38
CA VAL D 176 45.32 -19.18 38.64
C VAL D 176 46.52 -18.23 38.71
N ASP D 177 46.60 -17.46 39.79
CA ASP D 177 47.74 -16.57 39.97
C ASP D 177 48.96 -17.37 40.38
N PRO D 178 50.09 -17.23 39.68
CA PRO D 178 51.28 -18.02 40.01
C PRO D 178 52.02 -17.58 41.26
N SER D 179 51.42 -16.73 42.10
CA SER D 179 51.94 -16.47 43.44
C SER D 179 51.70 -17.65 44.37
N LEU D 180 51.20 -18.76 43.85
CA LEU D 180 50.96 -19.94 44.66
C LEU D 180 52.30 -20.49 45.18
N PRO D 181 52.36 -20.89 46.45
CA PRO D 181 53.63 -21.35 47.01
C PRO D 181 54.16 -22.59 46.31
N THR D 182 55.49 -22.73 46.31
CA THR D 182 56.12 -23.90 45.72
C THR D 182 55.72 -25.18 46.45
N SER D 183 55.32 -25.07 47.72
CA SER D 183 54.77 -26.21 48.43
C SER D 183 53.45 -26.66 47.83
N ALA D 184 52.84 -25.85 46.98
CA ALA D 184 51.60 -26.18 46.31
C ALA D 184 51.78 -26.45 44.82
N ARG D 185 52.84 -27.18 44.44
CA ARG D 185 53.00 -27.58 43.05
C ARG D 185 52.88 -29.09 42.88
N ASP D 186 52.24 -29.76 43.83
CA ASP D 186 52.29 -31.22 43.89
C ASP D 186 51.09 -31.91 43.26
N GLY D 187 49.92 -31.28 43.27
CA GLY D 187 48.72 -31.91 42.77
C GLY D 187 47.83 -32.55 43.82
N LYS D 188 48.19 -32.49 45.10
CA LYS D 188 47.40 -33.14 46.13
C LYS D 188 46.52 -32.16 46.88
N THR D 189 47.13 -31.15 47.49
CA THR D 189 46.43 -30.26 48.43
C THR D 189 45.40 -29.43 47.70
N VAL D 190 44.36 -29.01 48.42
CA VAL D 190 43.28 -28.21 47.86
C VAL D 190 43.58 -26.73 48.11
N ILE D 191 43.65 -25.94 47.04
CA ILE D 191 43.78 -24.49 47.17
C ILE D 191 42.46 -23.76 46.94
N ALA D 192 41.56 -24.39 46.17
CA ALA D 192 40.29 -23.75 45.78
C ALA D 192 39.17 -24.67 45.30
N THR D 193 37.94 -24.31 45.69
CA THR D 193 36.74 -25.01 45.27
C THR D 193 35.69 -23.92 45.03
N TYR D 194 34.74 -24.16 44.13
CA TYR D 194 33.73 -23.17 43.83
C TYR D 194 32.41 -23.89 43.62
N GLN D 195 31.30 -23.24 43.96
CA GLN D 195 30.01 -23.87 43.77
C GLN D 195 29.16 -23.07 42.80
N VAL D 196 28.50 -23.77 41.88
CA VAL D 196 27.55 -23.16 40.95
C VAL D 196 26.30 -24.03 40.93
N ASN D 197 25.13 -23.41 40.98
CA ASN D 197 23.86 -24.14 40.97
C ASN D 197 23.23 -24.06 39.59
N VAL D 198 22.69 -25.20 39.15
CA VAL D 198 22.00 -25.31 37.87
C VAL D 198 20.50 -25.31 38.14
N VAL D 199 19.77 -24.48 37.40
CA VAL D 199 18.33 -24.31 37.58
C VAL D 199 17.64 -24.73 36.30
N PHE D 200 16.80 -25.76 36.39
CA PHE D 200 15.97 -26.19 35.28
C PHE D 200 14.62 -25.49 35.38
N SER D 201 13.85 -25.52 34.29
CA SER D 201 12.52 -24.93 34.26
C SER D 201 11.73 -25.52 33.10
N THR D 202 10.40 -25.50 33.25
CA THR D 202 9.50 -25.89 32.19
C THR D 202 9.04 -24.70 31.35
N SER D 203 9.53 -23.51 31.65
CA SER D 203 9.18 -22.28 30.95
C SER D 203 10.45 -21.52 30.59
N PRO D 204 10.41 -20.73 29.50
CA PRO D 204 11.58 -19.93 29.11
C PRO D 204 11.94 -18.86 30.14
N THR E 25 -14.37 47.52 61.73
CA THR E 25 -15.48 47.74 60.82
C THR E 25 -15.28 47.00 59.50
N LEU E 26 -16.21 46.10 59.19
CA LEU E 26 -16.20 45.32 57.96
C LEU E 26 -14.91 44.50 57.82
N THR E 27 -14.65 43.69 58.85
CA THR E 27 -13.62 42.66 58.76
C THR E 27 -14.08 41.66 57.70
N PHE E 28 -13.14 41.13 56.91
CA PHE E 28 -13.51 40.36 55.74
C PHE E 28 -12.25 39.56 55.40
N THR E 29 -12.36 38.23 55.48
CA THR E 29 -11.31 37.29 55.09
C THR E 29 -11.82 36.41 53.96
N ASN E 30 -10.89 35.92 53.13
CA ASN E 30 -11.36 35.27 51.92
C ASN E 30 -10.70 33.93 51.61
N LEU E 31 -9.51 33.65 52.17
CA LEU E 31 -8.92 32.31 52.17
C LEU E 31 -8.70 31.79 50.74
N THR E 32 -7.78 32.42 50.03
CA THR E 32 -7.36 31.99 48.70
C THR E 32 -6.18 31.02 48.79
N TYR E 33 -6.25 29.94 48.01
CA TYR E 33 -5.19 28.94 47.95
C TYR E 33 -4.22 29.26 46.82
N TRP E 34 -3.07 28.56 46.86
CA TRP E 34 -2.08 28.60 45.80
C TRP E 34 -1.39 27.24 45.72
N LEU E 35 -1.22 26.74 44.50
CA LEU E 35 -0.59 25.45 44.26
C LEU E 35 0.58 25.63 43.29
N ILE E 36 1.63 24.84 43.47
CA ILE E 36 2.85 24.96 42.71
C ILE E 36 3.15 23.63 42.04
N ASN E 37 3.39 23.67 40.72
CA ASN E 37 3.82 22.51 39.96
C ASN E 37 5.16 22.83 39.31
N ALA E 38 6.08 21.87 39.33
CA ALA E 38 7.44 22.08 38.88
C ALA E 38 7.68 21.38 37.55
N THR E 39 8.38 22.08 36.65
CA THR E 39 8.72 21.53 35.34
C THR E 39 9.96 22.22 34.82
N LEU E 40 10.56 21.62 33.79
CA LEU E 40 11.75 22.18 33.19
C LEU E 40 11.43 23.54 32.56
N PRO E 41 12.35 24.50 32.69
CA PRO E 41 12.17 25.77 32.00
C PRO E 41 12.18 25.56 30.50
N PRO E 42 11.37 26.31 29.75
CA PRO E 42 11.35 26.14 28.29
C PRO E 42 12.63 26.62 27.62
N ALA E 43 13.51 27.31 28.33
CA ALA E 43 14.70 27.89 27.71
C ALA E 43 15.74 26.82 27.40
N MET E 44 16.28 26.17 28.45
CA MET E 44 17.35 25.18 28.32
C MET E 44 18.60 25.78 27.69
N LYS E 45 19.70 25.05 27.74
CA LYS E 45 20.96 25.49 27.13
C LYS E 45 21.59 24.37 26.31
N TYR E 46 22.16 24.74 25.17
CA TYR E 46 22.86 23.82 24.30
C TYR E 46 24.27 24.32 24.04
N PRO E 47 25.24 23.42 23.96
CA PRO E 47 26.65 23.84 23.98
C PRO E 47 27.16 24.45 22.68
N GLY E 48 26.33 24.60 21.66
CA GLY E 48 26.83 25.17 20.43
C GLY E 48 27.75 24.23 19.68
N THR E 49 28.63 24.81 18.87
CA THR E 49 29.52 24.03 18.01
C THR E 49 30.99 24.34 18.22
N ASP E 50 31.35 25.61 18.49
CA ASP E 50 32.77 25.98 18.55
C ASP E 50 33.52 25.27 19.66
N THR E 51 32.81 24.73 20.65
CA THR E 51 33.46 23.96 21.72
C THR E 51 33.98 22.61 21.24
N THR E 52 33.90 22.35 19.94
CA THR E 52 34.42 21.12 19.34
C THR E 52 35.66 21.38 18.48
N ILE E 53 36.47 22.37 18.88
CA ILE E 53 37.71 22.66 18.16
C ILE E 53 38.65 21.47 18.22
N THR E 54 38.79 20.87 19.41
CA THR E 54 39.59 19.67 19.67
C THR E 54 41.07 19.86 19.36
N ARG E 55 41.54 21.09 19.20
CA ARG E 55 42.94 21.36 18.97
C ARG E 55 43.41 22.48 19.89
N SER E 56 44.55 22.26 20.53
CA SER E 56 45.14 23.23 21.45
C SER E 56 46.57 22.82 21.74
N ASP E 57 47.33 23.75 22.33
CA ASP E 57 48.71 23.49 22.70
C ASP E 57 48.75 22.74 24.03
N SER E 58 49.95 22.60 24.60
CA SER E 58 50.12 21.95 25.90
C SER E 58 49.87 22.98 27.01
N SER E 59 48.59 23.36 27.12
CA SER E 59 48.17 24.38 28.07
C SER E 59 47.09 23.87 29.02
N GLY E 60 47.01 22.57 29.24
CA GLY E 60 46.03 22.01 30.16
C GLY E 60 44.66 21.88 29.55
N TYR E 61 43.97 23.01 29.39
CA TYR E 61 42.66 23.01 28.76
C TYR E 61 42.79 22.62 27.29
N ASN E 62 42.34 21.40 26.96
CA ASN E 62 42.41 20.89 25.60
C ASN E 62 41.31 21.47 24.70
N ARG E 63 40.60 22.49 25.15
CA ARG E 63 39.53 23.10 24.37
C ARG E 63 39.50 24.58 24.66
N TYR E 64 38.88 25.33 23.75
CA TYR E 64 38.82 26.78 23.86
C TYR E 64 37.49 27.28 24.38
N VAL E 65 36.42 26.49 24.25
CA VAL E 65 35.10 26.84 24.73
C VAL E 65 34.58 25.71 25.62
N TYR E 66 34.06 26.07 26.79
CA TYR E 66 33.48 25.12 27.73
C TYR E 66 32.03 25.46 27.97
N VAL E 67 31.18 24.44 28.04
CA VAL E 67 29.77 24.60 28.40
C VAL E 67 29.45 23.56 29.47
N SER E 68 29.13 24.02 30.67
CA SER E 68 28.80 23.13 31.77
C SER E 68 27.89 23.85 32.75
N TYR E 69 27.19 23.07 33.57
CA TYR E 69 26.22 23.61 34.51
C TYR E 69 26.31 22.87 35.84
N TYR E 70 25.93 23.56 36.91
CA TYR E 70 25.86 22.95 38.23
C TYR E 70 24.70 23.56 38.99
N TYR E 71 24.06 22.74 39.82
CA TYR E 71 22.94 23.20 40.64
C TYR E 71 23.51 23.90 41.87
N ASP E 72 23.36 25.22 41.93
CA ASP E 72 23.87 25.97 43.06
C ASP E 72 23.09 25.62 44.32
N PRO E 73 23.76 25.17 45.39
CA PRO E 73 23.01 24.83 46.62
C PRO E 73 22.53 26.03 47.39
N SER E 74 23.18 27.19 47.25
CA SER E 74 22.78 28.37 48.02
C SER E 74 21.49 28.97 47.51
N THR E 75 21.33 29.07 46.19
CA THR E 75 20.20 29.76 45.60
C THR E 75 19.34 28.89 44.69
N GLY E 76 19.81 27.72 44.28
CA GLY E 76 19.00 26.86 43.43
C GLY E 76 18.88 27.31 42.00
N TYR E 77 19.89 27.98 41.47
CA TYR E 77 19.87 28.39 40.06
C TYR E 77 20.50 27.32 39.19
N ASN E 78 19.99 27.17 37.97
CA ASN E 78 20.60 26.31 36.96
C ASN E 78 21.72 27.09 36.28
N VAL E 79 22.74 27.40 37.08
CA VAL E 79 23.83 28.26 36.62
C VAL E 79 24.60 27.56 35.51
N THR E 80 24.81 28.28 34.41
CA THR E 80 25.54 27.76 33.26
C THR E 80 26.89 28.49 33.18
N ARG E 81 27.92 27.86 33.73
CA ARG E 81 29.27 28.39 33.61
C ARG E 81 29.87 28.00 32.26
N ILE E 82 30.42 28.98 31.56
CA ILE E 82 31.02 28.78 30.26
C ILE E 82 32.36 29.51 30.22
N SER E 83 33.38 28.83 29.69
CA SER E 83 34.74 29.34 29.68
C SER E 83 35.13 29.67 28.25
N ILE E 84 35.76 30.83 28.07
CA ILE E 84 36.22 31.30 26.77
C ILE E 84 37.69 31.68 26.88
N VAL E 85 38.49 31.28 25.90
CA VAL E 85 39.92 31.55 25.89
C VAL E 85 40.15 32.86 25.14
N GLY E 86 40.45 33.92 25.89
CA GLY E 86 40.69 35.23 25.31
C GLY E 86 42.18 35.49 25.14
N PHE E 87 42.53 36.14 24.03
CA PHE E 87 43.92 36.42 23.69
C PHE E 87 44.26 37.86 24.07
N THR E 88 45.36 38.03 24.81
CA THR E 88 45.82 39.36 25.14
C THR E 88 46.48 40.02 23.93
N GLY E 89 46.27 41.32 23.77
CA GLY E 89 46.77 42.03 22.63
C GLY E 89 46.16 41.62 21.30
N ASP E 90 44.99 41.00 21.32
CA ASP E 90 44.32 40.54 20.12
C ASP E 90 42.83 40.39 20.44
N PRO E 91 41.94 41.10 19.76
CA PRO E 91 40.51 40.89 19.99
C PRO E 91 40.02 39.68 19.23
N THR E 92 39.13 38.91 19.86
CA THR E 92 38.65 37.66 19.31
C THR E 92 37.13 37.68 19.21
N ASN E 93 36.62 37.41 18.02
CA ASN E 93 35.18 37.34 17.76
C ASN E 93 34.77 35.88 17.66
N TYR E 94 33.65 35.54 18.26
CA TYR E 94 33.16 34.17 18.27
C TYR E 94 31.86 34.07 17.48
N THR E 95 31.58 32.87 16.97
CA THR E 95 30.52 32.67 16.01
C THR E 95 29.37 31.82 16.52
N ASN E 96 29.65 30.62 17.04
CA ASN E 96 28.62 29.67 17.46
C ASN E 96 28.98 29.13 18.82
N VAL E 97 28.53 29.82 19.88
CA VAL E 97 28.93 29.48 21.24
C VAL E 97 27.79 28.73 21.93
N LEU E 98 26.64 29.37 22.05
CA LEU E 98 25.46 28.80 22.69
C LEU E 98 24.26 28.90 21.76
N GLN E 99 23.37 27.91 21.87
CA GLN E 99 22.09 27.91 21.17
C GLN E 99 20.98 28.07 22.20
N LEU E 100 20.17 29.11 22.04
CA LEU E 100 19.07 29.41 22.97
C LEU E 100 17.76 29.27 22.22
N CYS E 101 17.02 28.21 22.50
CA CYS E 101 15.73 28.03 21.86
C CYS E 101 14.81 27.16 22.69
N ASN E 102 13.52 27.35 22.48
CA ASN E 102 12.50 26.61 23.20
C ASN E 102 12.45 25.16 22.75
N LYS E 103 12.19 24.26 23.69
CA LYS E 103 11.90 22.87 23.37
C LYS E 103 10.53 22.43 23.89
N TYR E 104 9.87 23.27 24.69
CA TYR E 104 8.55 22.92 25.22
C TYR E 104 7.51 24.03 25.08
N TYR E 105 7.92 25.29 24.95
CA TYR E 105 6.99 26.38 24.69
C TYR E 105 6.78 26.49 23.20
N SER E 106 5.57 26.19 22.74
CA SER E 106 5.30 26.01 21.32
C SER E 106 4.89 27.29 20.61
N GLY E 107 5.33 28.45 21.07
CA GLY E 107 5.00 29.71 20.45
C GLY E 107 6.20 30.59 20.17
N THR E 108 5.95 31.90 20.19
CA THR E 108 6.97 32.91 19.93
C THR E 108 7.59 33.35 21.24
N LEU E 109 8.91 33.19 21.35
CA LEU E 109 9.61 33.62 22.55
C LEU E 109 10.14 35.04 22.39
N TYR E 110 10.61 35.60 23.50
CA TYR E 110 11.27 36.90 23.49
C TYR E 110 12.39 36.86 24.51
N ALA E 111 13.63 36.92 24.02
CA ALA E 111 14.81 36.83 24.87
C ALA E 111 15.49 38.18 24.95
N LYS E 112 16.26 38.37 26.02
CA LYS E 112 17.00 39.62 26.22
C LYS E 112 18.14 39.35 27.19
N LEU E 113 19.28 39.98 26.94
CA LEU E 113 20.49 39.79 27.72
C LEU E 113 20.72 41.01 28.60
N VAL E 114 20.92 40.78 29.89
CA VAL E 114 21.11 41.85 30.87
C VAL E 114 22.41 41.61 31.60
N ALA E 115 23.27 42.64 31.65
CA ALA E 115 24.50 42.54 32.42
C ALA E 115 24.22 42.61 33.91
N VAL E 116 24.92 41.79 34.67
CA VAL E 116 24.74 41.69 36.11
C VAL E 116 25.88 42.39 36.85
N GLY E 117 27.10 41.93 36.66
CA GLY E 117 28.24 42.50 37.35
C GLY E 117 29.37 41.51 37.43
N THR E 118 30.41 41.92 38.15
CA THR E 118 31.61 41.12 38.32
C THR E 118 31.40 40.09 39.43
N VAL E 119 31.83 38.86 39.18
CA VAL E 119 31.74 37.78 40.15
C VAL E 119 33.15 37.45 40.62
N GLY E 120 33.37 37.49 41.93
CA GLY E 120 34.68 37.24 42.47
C GLY E 120 35.64 38.38 42.16
N THR E 121 36.92 38.11 42.38
CA THR E 121 37.95 39.10 42.11
C THR E 121 39.28 38.36 41.92
N THR E 122 39.78 38.37 40.69
CA THR E 122 41.09 37.82 40.38
C THR E 122 42.18 38.88 40.32
N ASN E 123 41.84 40.14 40.60
CA ASN E 123 42.73 41.29 40.54
C ASN E 123 43.27 41.54 39.14
N TYR E 124 42.75 40.85 38.14
CA TYR E 124 43.13 41.05 36.75
C TYR E 124 42.11 41.86 35.97
N GLU E 125 41.10 42.41 36.64
CA GLU E 125 39.99 43.08 35.98
C GLU E 125 40.43 44.27 35.14
N SER E 126 41.48 44.99 35.55
CA SER E 126 41.93 46.14 34.80
C SER E 126 42.49 45.78 33.44
N TYR E 127 42.81 44.50 33.22
CA TYR E 127 43.41 44.07 31.96
C TYR E 127 42.38 43.76 30.89
N ILE E 128 41.09 43.72 31.22
CA ILE E 128 40.03 43.46 30.26
C ILE E 128 39.52 44.81 29.79
N LYS E 129 39.92 45.21 28.59
CA LYS E 129 39.53 46.52 28.06
C LYS E 129 38.20 46.48 27.31
N ASP E 130 37.65 45.29 27.04
CA ASP E 130 36.40 45.19 26.32
C ASP E 130 35.83 43.79 26.51
N PHE E 131 34.50 43.70 26.54
CA PHE E 131 33.81 42.43 26.62
C PHE E 131 32.43 42.58 26.00
N ARG E 132 32.06 41.65 25.13
CA ARG E 132 30.80 41.75 24.40
C ARG E 132 30.14 40.39 24.32
N VAL E 133 28.83 40.36 24.56
CA VAL E 133 27.98 39.20 24.31
C VAL E 133 26.87 39.64 23.37
N TYR E 134 26.70 38.90 22.28
CA TYR E 134 25.80 39.33 21.22
C TYR E 134 25.15 38.14 20.55
N PHE E 135 23.92 38.34 20.08
CA PHE E 135 23.25 37.32 19.29
C PHE E 135 23.88 37.23 17.90
N VAL E 136 23.73 36.07 17.28
CA VAL E 136 24.39 35.83 16.00
C VAL E 136 23.37 35.71 14.87
N ASN E 137 22.48 34.73 14.97
CA ASN E 137 21.56 34.48 13.85
C ASN E 137 20.46 35.52 13.78
N PRO E 138 19.67 35.78 14.83
CA PRO E 138 18.71 36.89 14.75
C PRO E 138 19.37 38.23 15.04
N THR E 139 19.04 39.25 14.26
CA THR E 139 19.60 40.58 14.43
C THR E 139 18.50 41.54 14.85
N THR E 140 18.79 42.38 15.84
CA THR E 140 17.79 43.27 16.40
C THR E 140 18.49 44.53 16.89
N THR E 141 17.82 45.26 17.78
CA THR E 141 18.33 46.47 18.44
C THR E 141 19.54 46.08 19.28
N PRO E 142 20.25 47.03 19.96
CA PRO E 142 21.73 46.97 19.98
C PRO E 142 22.37 45.60 19.90
N ASN E 143 21.87 44.62 20.66
CA ASN E 143 22.35 43.24 20.58
C ASN E 143 23.83 43.16 20.96
N TYR E 144 24.16 43.73 22.12
CA TYR E 144 25.48 43.61 22.70
C TYR E 144 25.45 44.18 24.11
N VAL E 145 26.28 43.62 24.99
CA VAL E 145 26.49 44.13 26.33
C VAL E 145 27.96 44.45 26.50
N GLN E 146 28.24 45.63 27.06
CA GLN E 146 29.59 46.15 27.15
C GLN E 146 30.10 46.08 28.58
N PHE E 147 31.27 45.50 28.75
CA PHE E 147 31.98 45.50 30.03
C PHE E 147 33.31 46.21 29.85
N GLN E 148 33.65 47.09 30.78
CA GLN E 148 34.92 47.80 30.79
C GLN E 148 35.61 47.48 32.11
N GLY E 149 36.38 46.39 32.12
CA GLY E 149 37.01 45.92 33.33
C GLY E 149 35.98 45.58 34.40
N THR E 150 35.96 46.36 35.47
CA THR E 150 34.96 46.19 36.52
C THR E 150 33.69 46.99 36.27
N SER E 151 33.78 48.12 35.58
CA SER E 151 32.63 48.97 35.32
C SER E 151 31.74 48.36 34.25
N VAL E 152 30.47 48.74 34.29
CA VAL E 152 29.47 48.32 33.30
C VAL E 152 28.94 49.57 32.62
N THR E 153 29.02 49.60 31.29
CA THR E 153 28.62 50.77 30.53
C THR E 153 27.47 50.53 29.56
N GLN E 154 26.99 49.29 29.42
CA GLN E 154 25.81 49.00 28.62
C GLN E 154 24.78 48.30 29.47
N SER E 155 23.51 48.71 29.33
CA SER E 155 22.46 48.22 30.23
C SER E 155 22.01 46.82 29.84
N ALA E 156 21.44 46.67 28.65
CA ALA E 156 20.86 45.40 28.23
C ALA E 156 20.60 45.42 26.74
N THR E 157 20.42 44.23 26.18
CA THR E 157 20.07 44.10 24.77
C THR E 157 18.58 44.36 24.57
N GLY E 158 18.17 44.38 23.30
CA GLY E 158 16.78 44.56 22.96
C GLY E 158 16.04 43.25 22.83
N SER E 159 14.77 43.36 22.44
CA SER E 159 13.94 42.18 22.26
C SER E 159 14.35 41.42 21.01
N VAL E 160 14.25 40.10 21.08
CA VAL E 160 14.54 39.22 19.95
C VAL E 160 13.52 38.10 19.92
N SER E 161 13.06 37.74 18.73
CA SER E 161 11.99 36.77 18.57
C SER E 161 12.56 35.38 18.34
N ILE E 162 12.07 34.40 19.08
CA ILE E 162 12.46 33.00 18.95
C ILE E 162 11.19 32.18 18.80
N GLY E 163 11.13 31.36 17.74
CA GLY E 163 9.96 30.56 17.48
C GLY E 163 10.16 29.10 17.84
N PRO E 164 9.14 28.28 17.59
CA PRO E 164 9.22 26.85 17.93
C PRO E 164 10.07 26.11 16.91
N GLY E 165 11.19 25.56 17.39
CA GLY E 165 12.04 24.72 16.57
C GLY E 165 13.34 25.35 16.13
N GLN E 166 13.31 26.61 15.72
CA GLN E 166 14.53 27.31 15.33
C GLN E 166 15.21 27.88 16.56
N CYS E 167 16.54 27.99 16.50
CA CYS E 167 17.34 28.39 17.63
C CYS E 167 18.23 29.57 17.29
N ALA E 168 18.31 30.51 18.22
CA ALA E 168 19.22 31.65 18.12
C ALA E 168 20.60 31.27 18.60
N THR E 169 21.60 32.00 18.13
CA THR E 169 22.99 31.74 18.46
C THR E 169 23.58 32.95 19.17
N VAL E 170 24.29 32.70 20.27
CA VAL E 170 24.90 33.76 21.07
C VAL E 170 26.40 33.72 20.83
N GLY E 171 26.96 34.86 20.40
CA GLY E 171 28.39 34.98 20.17
C GLY E 171 29.12 35.55 21.37
N ALA E 172 30.39 35.83 21.16
CA ALA E 172 31.23 36.41 22.20
C ALA E 172 32.32 37.26 21.56
N TYR E 173 32.82 38.20 22.35
CA TYR E 173 33.90 39.09 21.90
C TYR E 173 34.72 39.49 23.12
N VAL E 174 36.02 39.23 23.07
CA VAL E 174 36.91 39.48 24.19
C VAL E 174 38.14 40.22 23.69
N LEU E 175 38.48 41.33 24.36
CA LEU E 175 39.70 42.06 24.11
C LEU E 175 40.39 42.31 25.45
N VAL E 176 41.66 41.91 25.56
CA VAL E 176 42.40 41.97 26.81
C VAL E 176 43.68 42.75 26.57
N ASP E 177 44.02 43.62 27.52
CA ASP E 177 45.26 44.39 27.42
C ASP E 177 46.45 43.44 27.42
N PRO E 178 47.40 43.59 26.50
CA PRO E 178 48.54 42.66 26.44
C PRO E 178 49.54 42.85 27.58
N SER E 179 49.21 43.70 28.54
CA SER E 179 50.05 43.94 29.71
C SER E 179 49.92 42.83 30.76
N LEU E 180 49.33 41.69 30.40
CA LEU E 180 49.17 40.60 31.34
C LEU E 180 50.54 40.00 31.69
N PRO E 181 50.75 39.59 32.95
CA PRO E 181 52.00 38.93 33.30
C PRO E 181 52.13 37.58 32.60
N THR E 182 53.39 37.18 32.39
CA THR E 182 53.66 35.92 31.69
C THR E 182 53.12 34.72 32.47
N SER E 183 52.99 34.85 33.80
CA SER E 183 52.51 33.74 34.62
C SER E 183 51.08 33.32 34.26
N ALA E 184 50.25 34.25 33.77
CA ALA E 184 48.87 33.95 33.44
C ALA E 184 48.68 33.59 31.98
N ARG E 185 49.76 33.34 31.24
CA ARG E 185 49.66 33.03 29.82
C ARG E 185 49.37 31.57 29.56
N ASP E 186 49.33 30.73 30.61
CA ASP E 186 49.03 29.31 30.43
C ASP E 186 47.53 29.04 30.34
N GLY E 187 46.69 29.99 30.74
CA GLY E 187 45.26 29.80 30.71
C GLY E 187 44.67 29.13 31.93
N LYS E 188 45.51 28.53 32.78
CA LYS E 188 45.00 27.91 34.01
C LYS E 188 44.38 28.95 34.92
N THR E 189 45.06 30.09 35.10
CA THR E 189 44.57 31.14 35.98
C THR E 189 43.32 31.77 35.39
N VAL E 190 42.33 32.05 36.24
CA VAL E 190 41.13 32.76 35.80
C VAL E 190 41.38 34.26 35.87
N ILE E 191 41.05 34.95 34.80
CA ILE E 191 41.34 36.38 34.69
C ILE E 191 40.16 37.23 35.16
N ALA E 192 38.94 36.86 34.76
CA ALA E 192 37.76 37.61 35.19
C ALA E 192 36.56 36.67 35.13
N THR E 193 35.48 37.11 35.78
CA THR E 193 34.24 36.32 35.82
C THR E 193 33.08 37.31 35.73
N TYR E 194 32.48 37.39 34.55
CA TYR E 194 31.32 38.26 34.34
C TYR E 194 30.03 37.46 34.43
N GLN E 195 29.00 38.09 34.97
CA GLN E 195 27.69 37.48 35.15
C GLN E 195 26.70 38.14 34.20
N VAL E 196 26.02 37.32 33.40
CA VAL E 196 25.06 37.80 32.40
C VAL E 196 23.77 37.02 32.58
N ASN E 197 22.66 37.75 32.71
CA ASN E 197 21.35 37.14 32.86
C ASN E 197 20.59 37.24 31.55
N VAL E 198 20.11 36.11 31.06
CA VAL E 198 19.23 36.06 29.90
C VAL E 198 17.79 35.92 30.40
N VAL E 199 16.91 36.78 29.92
CA VAL E 199 15.53 36.85 30.38
C VAL E 199 14.62 36.56 29.21
N PHE E 200 13.71 35.60 29.39
CA PHE E 200 12.70 35.28 28.38
C PHE E 200 11.39 35.93 28.76
N SER E 201 10.50 36.07 27.78
CA SER E 201 9.16 36.59 28.02
C SER E 201 8.24 36.08 26.92
N THR E 202 6.95 36.01 27.24
CA THR E 202 5.93 35.60 26.28
C THR E 202 5.30 36.79 25.58
N SER E 203 5.79 38.00 25.83
CA SER E 203 5.32 39.21 25.19
C SER E 203 6.52 40.02 24.72
N PRO E 204 6.36 40.82 23.65
CA PRO E 204 7.46 41.66 23.15
C PRO E 204 7.89 42.72 24.16
N THR F 25 -95.02 20.29 14.41
CA THR F 25 -95.28 21.73 14.45
C THR F 25 -94.86 22.40 13.15
N LEU F 26 -95.82 23.07 12.50
CA LEU F 26 -95.58 23.76 11.23
C LEU F 26 -95.00 22.80 10.19
N THR F 27 -95.68 21.67 10.01
CA THR F 27 -95.26 20.62 9.08
C THR F 27 -96.33 20.48 8.01
N PHE F 28 -96.09 21.05 6.84
CA PHE F 28 -96.95 20.88 5.68
C PHE F 28 -96.22 20.02 4.66
N THR F 29 -96.93 19.05 4.09
CA THR F 29 -96.31 18.00 3.31
C THR F 29 -95.97 18.50 1.91
N ASN F 30 -95.61 17.57 1.02
CA ASN F 30 -95.22 17.91 -0.35
C ASN F 30 -96.26 17.39 -1.33
N LEU F 31 -96.60 16.10 -1.22
CA LEU F 31 -97.51 15.43 -2.16
C LEU F 31 -97.09 15.71 -3.61
N THR F 32 -95.89 15.22 -3.91
CA THR F 32 -95.33 15.43 -5.23
C THR F 32 -96.15 14.69 -6.28
N TYR F 33 -96.24 15.27 -7.46
CA TYR F 33 -96.78 14.60 -8.64
C TYR F 33 -95.68 14.48 -9.69
N TRP F 34 -95.21 13.26 -9.92
CA TRP F 34 -93.85 13.07 -10.41
C TRP F 34 -93.91 12.40 -11.77
N LEU F 35 -93.76 13.18 -12.85
CA LEU F 35 -94.05 12.74 -14.22
C LEU F 35 -92.85 12.01 -14.82
N ILE F 36 -93.08 10.80 -15.33
CA ILE F 36 -92.06 10.01 -16.01
C ILE F 36 -92.65 9.42 -17.28
N ASN F 37 -91.97 9.62 -18.40
CA ASN F 37 -91.99 8.71 -19.54
C ASN F 37 -90.60 8.68 -20.16
N ALA F 38 -89.85 7.64 -19.85
CA ALA F 38 -88.46 7.54 -20.25
C ALA F 38 -88.36 7.49 -21.77
N THR F 39 -87.46 8.28 -22.33
CA THR F 39 -87.23 8.31 -23.77
C THR F 39 -86.11 7.33 -24.09
N LEU F 40 -85.95 7.02 -25.38
CA LEU F 40 -84.88 6.13 -25.79
C LEU F 40 -83.53 6.74 -25.43
N PRO F 41 -82.58 5.93 -24.98
CA PRO F 41 -81.23 6.44 -24.72
C PRO F 41 -80.63 7.03 -25.98
N PRO F 42 -80.39 8.34 -26.01
CA PRO F 42 -79.96 8.98 -27.26
C PRO F 42 -78.60 8.54 -27.75
N ALA F 43 -77.76 7.98 -26.89
CA ALA F 43 -76.43 7.53 -27.33
C ALA F 43 -76.55 6.33 -28.26
N MET F 44 -77.10 5.23 -27.76
CA MET F 44 -77.33 3.99 -28.51
C MET F 44 -75.98 3.38 -28.90
N LYS F 45 -75.93 2.08 -29.13
CA LYS F 45 -74.66 1.37 -29.29
C LYS F 45 -74.57 0.78 -30.70
N TYR F 46 -73.57 1.23 -31.47
CA TYR F 46 -73.37 0.71 -32.81
C TYR F 46 -72.23 -0.28 -32.85
N PRO F 47 -72.37 -1.36 -33.61
CA PRO F 47 -71.31 -2.39 -33.65
C PRO F 47 -69.95 -1.88 -34.12
N GLY F 48 -69.91 -0.92 -35.04
CA GLY F 48 -68.64 -0.47 -35.58
C GLY F 48 -68.12 -1.39 -36.67
N THR F 49 -66.98 -1.01 -37.22
CA THR F 49 -66.38 -1.72 -38.35
C THR F 49 -65.64 -2.99 -37.93
N ASP F 50 -65.46 -3.22 -36.63
CA ASP F 50 -64.73 -4.41 -36.19
C ASP F 50 -65.50 -5.69 -36.51
N THR F 51 -66.83 -5.63 -36.51
CA THR F 51 -67.63 -6.79 -36.89
C THR F 51 -67.61 -7.07 -38.38
N THR F 52 -67.04 -6.17 -39.18
CA THR F 52 -67.01 -6.31 -40.63
C THR F 52 -65.79 -7.05 -41.12
N ILE F 53 -65.03 -7.68 -40.23
CA ILE F 53 -63.93 -8.54 -40.67
C ILE F 53 -64.47 -9.69 -41.50
N THR F 54 -65.62 -10.25 -41.11
CA THR F 54 -66.41 -11.25 -41.83
C THR F 54 -65.58 -12.46 -42.24
N ARG F 55 -64.44 -12.68 -41.59
CA ARG F 55 -63.52 -13.74 -41.99
C ARG F 55 -62.82 -14.30 -40.76
N SER F 56 -62.72 -15.63 -40.71
CA SER F 56 -62.14 -16.28 -39.55
C SER F 56 -61.69 -17.68 -39.94
N ASP F 57 -60.86 -18.27 -39.08
CA ASP F 57 -60.34 -19.61 -39.28
C ASP F 57 -61.39 -20.64 -38.87
N SER F 58 -61.00 -21.91 -38.83
CA SER F 58 -61.90 -22.98 -38.41
C SER F 58 -61.97 -23.05 -36.90
N SER F 59 -62.30 -21.93 -36.26
CA SER F 59 -62.39 -21.85 -34.81
C SER F 59 -63.85 -21.82 -34.33
N GLY F 60 -64.80 -22.17 -35.19
CA GLY F 60 -66.19 -22.18 -34.81
C GLY F 60 -66.92 -20.88 -35.12
N TYR F 61 -66.45 -19.77 -34.55
CA TYR F 61 -67.09 -18.48 -34.77
C TYR F 61 -66.66 -17.87 -36.08
N ASN F 62 -67.62 -17.35 -36.83
CA ASN F 62 -67.35 -16.65 -38.08
C ASN F 62 -66.94 -15.20 -37.87
N ARG F 63 -67.14 -14.66 -36.68
CA ARG F 63 -66.81 -13.27 -36.40
C ARG F 63 -66.01 -13.21 -35.10
N TYR F 64 -65.11 -12.23 -35.04
CA TYR F 64 -64.26 -12.02 -33.87
C TYR F 64 -64.90 -11.10 -32.85
N VAL F 65 -65.62 -10.08 -33.30
CA VAL F 65 -66.30 -9.15 -32.40
C VAL F 65 -67.81 -9.37 -32.55
N TYR F 66 -68.44 -9.87 -31.49
CA TYR F 66 -69.88 -10.12 -31.46
C TYR F 66 -70.54 -9.01 -30.65
N VAL F 67 -70.78 -7.87 -31.30
CA VAL F 67 -71.43 -6.73 -30.66
C VAL F 67 -72.94 -6.93 -30.76
N SER F 68 -73.61 -6.95 -29.61
CA SER F 68 -75.06 -7.05 -29.59
C SER F 68 -75.57 -6.45 -28.29
N TYR F 69 -76.65 -5.68 -28.40
CA TYR F 69 -77.32 -5.11 -27.23
C TYR F 69 -78.57 -5.93 -26.94
N TYR F 70 -78.66 -6.42 -25.71
CA TYR F 70 -79.75 -7.30 -25.32
C TYR F 70 -80.46 -6.70 -24.11
N TYR F 71 -81.79 -6.80 -24.12
CA TYR F 71 -82.60 -6.42 -22.97
C TYR F 71 -82.32 -7.39 -21.84
N ASP F 72 -81.72 -6.89 -20.77
CA ASP F 72 -81.48 -7.73 -19.60
C ASP F 72 -82.72 -7.76 -18.72
N PRO F 73 -83.35 -8.93 -18.52
CA PRO F 73 -84.56 -8.98 -17.69
C PRO F 73 -84.28 -9.06 -16.20
N SER F 74 -83.07 -9.47 -15.79
CA SER F 74 -82.80 -9.69 -14.37
C SER F 74 -82.91 -8.40 -13.57
N THR F 75 -82.38 -7.30 -14.10
CA THR F 75 -82.41 -6.02 -13.40
C THR F 75 -82.81 -4.87 -14.31
N GLY F 76 -83.23 -5.15 -15.54
CA GLY F 76 -83.73 -4.09 -16.40
C GLY F 76 -82.70 -3.10 -16.88
N TYR F 77 -81.76 -3.54 -17.71
CA TYR F 77 -80.76 -2.67 -18.31
C TYR F 77 -80.52 -3.04 -19.77
N ASN F 78 -80.24 -2.03 -20.59
CA ASN F 78 -79.91 -2.25 -22.01
C ASN F 78 -78.44 -2.66 -22.11
N VAL F 79 -78.14 -3.81 -21.52
CA VAL F 79 -76.78 -4.33 -21.48
C VAL F 79 -76.37 -4.77 -22.88
N THR F 80 -75.16 -4.40 -23.29
CA THR F 80 -74.66 -4.71 -24.62
C THR F 80 -73.56 -5.77 -24.50
N ARG F 81 -73.80 -6.93 -25.09
CA ARG F 81 -72.79 -7.99 -25.12
C ARG F 81 -71.91 -7.82 -26.35
N ILE F 82 -70.63 -7.56 -26.12
CA ILE F 82 -69.64 -7.45 -27.20
C ILE F 82 -68.48 -8.38 -26.87
N SER F 83 -67.95 -9.03 -27.90
CA SER F 83 -66.88 -10.00 -27.74
C SER F 83 -65.57 -9.38 -28.21
N ILE F 84 -64.55 -9.44 -27.35
CA ILE F 84 -63.23 -8.90 -27.63
C ILE F 84 -62.25 -10.06 -27.58
N VAL F 85 -62.02 -10.71 -28.72
CA VAL F 85 -61.17 -11.89 -28.79
C VAL F 85 -59.73 -11.40 -28.68
N GLY F 86 -59.12 -11.62 -27.51
CA GLY F 86 -57.76 -11.24 -27.26
C GLY F 86 -56.82 -12.40 -27.53
N PHE F 87 -55.77 -12.15 -28.31
CA PHE F 87 -54.89 -13.21 -28.75
C PHE F 87 -53.84 -13.51 -27.70
N THR F 88 -53.59 -14.81 -27.49
CA THR F 88 -52.72 -15.24 -26.40
C THR F 88 -51.29 -14.79 -26.62
N GLY F 89 -50.61 -14.42 -25.53
CA GLY F 89 -49.22 -14.05 -25.57
C GLY F 89 -48.89 -12.83 -26.39
N ASP F 90 -49.89 -12.03 -26.76
CA ASP F 90 -49.68 -10.88 -27.62
C ASP F 90 -50.68 -9.81 -27.22
N PRO F 91 -50.23 -8.63 -26.77
CA PRO F 91 -51.18 -7.56 -26.47
C PRO F 91 -51.89 -7.09 -27.73
N THR F 92 -53.20 -7.17 -27.71
CA THR F 92 -54.05 -6.79 -28.83
C THR F 92 -54.91 -5.59 -28.47
N ASN F 93 -54.97 -4.62 -29.38
CA ASN F 93 -55.77 -3.42 -29.18
C ASN F 93 -56.73 -3.27 -30.36
N TYR F 94 -57.85 -2.62 -30.11
CA TYR F 94 -58.88 -2.43 -31.14
C TYR F 94 -59.18 -0.95 -31.28
N THR F 95 -59.59 -0.55 -32.48
CA THR F 95 -59.79 0.86 -32.77
C THR F 95 -61.25 1.27 -32.82
N ASN F 96 -62.07 0.55 -33.59
CA ASN F 96 -63.48 0.89 -33.76
C ASN F 96 -64.32 -0.22 -33.12
N VAL F 97 -64.58 -0.06 -31.82
CA VAL F 97 -65.31 -1.07 -31.07
C VAL F 97 -66.77 -0.64 -30.88
N LEU F 98 -66.96 0.49 -30.20
CA LEU F 98 -68.29 0.94 -29.82
C LEU F 98 -68.46 2.41 -30.15
N GLN F 99 -69.69 2.78 -30.50
CA GLN F 99 -70.04 4.15 -30.86
C GLN F 99 -71.03 4.71 -29.85
N LEU F 100 -70.56 5.63 -29.01
CA LEU F 100 -71.42 6.45 -28.16
C LEU F 100 -71.76 7.69 -28.95
N CYS F 101 -72.95 7.72 -29.53
CA CYS F 101 -73.16 8.57 -30.70
C CYS F 101 -74.60 9.06 -30.70
N ASN F 102 -74.81 10.28 -30.21
CA ASN F 102 -76.16 10.77 -29.95
C ASN F 102 -76.91 10.98 -31.26
N LYS F 103 -78.01 10.24 -31.43
CA LYS F 103 -78.91 10.42 -32.55
C LYS F 103 -80.27 11.01 -32.17
N TYR F 104 -80.67 10.91 -30.90
CA TYR F 104 -81.96 11.40 -30.46
C TYR F 104 -81.89 12.65 -29.61
N TYR F 105 -80.71 13.02 -29.11
CA TYR F 105 -80.52 14.24 -28.34
C TYR F 105 -79.80 15.25 -29.23
N SER F 106 -80.35 16.47 -29.29
CA SER F 106 -79.86 17.49 -30.20
C SER F 106 -78.73 18.33 -29.61
N GLY F 107 -78.25 18.00 -28.42
CA GLY F 107 -77.17 18.74 -27.79
C GLY F 107 -75.86 17.99 -27.81
N THR F 108 -74.94 18.44 -26.96
CA THR F 108 -73.61 17.86 -26.85
C THR F 108 -73.54 17.02 -25.59
N LEU F 109 -73.06 15.78 -25.73
CA LEU F 109 -73.01 14.84 -24.62
C LEU F 109 -71.62 14.83 -24.00
N TYR F 110 -71.59 14.79 -22.67
CA TYR F 110 -70.35 14.77 -21.90
C TYR F 110 -70.32 13.49 -21.08
N ALA F 111 -69.27 12.69 -21.27
CA ALA F 111 -69.22 11.36 -20.69
C ALA F 111 -67.88 11.09 -20.03
N LYS F 112 -67.89 10.20 -19.05
CA LYS F 112 -66.70 9.73 -18.38
C LYS F 112 -66.86 8.23 -18.12
N LEU F 113 -65.73 7.57 -17.86
CA LEU F 113 -65.70 6.11 -17.79
C LEU F 113 -65.31 5.67 -16.39
N VAL F 114 -66.08 4.73 -15.83
CA VAL F 114 -65.77 4.11 -14.54
C VAL F 114 -65.99 2.61 -14.69
N ALA F 115 -65.04 1.80 -14.22
CA ALA F 115 -65.18 0.36 -14.28
C ALA F 115 -65.60 -0.19 -12.91
N VAL F 116 -66.25 -1.35 -12.94
CA VAL F 116 -66.79 -1.94 -11.71
C VAL F 116 -65.84 -2.99 -11.17
N GLY F 117 -65.61 -4.04 -11.95
CA GLY F 117 -64.75 -5.12 -11.52
C GLY F 117 -65.08 -6.39 -12.29
N THR F 118 -65.25 -7.47 -11.54
CA THR F 118 -65.45 -8.80 -12.12
C THR F 118 -66.91 -9.23 -11.99
N VAL F 119 -67.34 -10.07 -12.93
CA VAL F 119 -68.66 -10.69 -12.90
C VAL F 119 -68.46 -12.19 -13.00
N GLY F 120 -68.96 -12.92 -12.01
CA GLY F 120 -68.74 -14.36 -11.98
C GLY F 120 -67.27 -14.67 -11.78
N THR F 121 -66.89 -15.88 -12.19
CA THR F 121 -65.50 -16.31 -12.10
C THR F 121 -65.29 -17.48 -13.05
N THR F 122 -64.45 -17.27 -14.07
CA THR F 122 -64.05 -18.34 -14.97
C THR F 122 -62.80 -19.07 -14.49
N ASN F 123 -62.23 -18.64 -13.36
CA ASN F 123 -61.02 -19.22 -12.78
C ASN F 123 -59.80 -19.01 -13.66
N TYR F 124 -59.98 -18.30 -14.78
CA TYR F 124 -58.88 -17.95 -15.67
C TYR F 124 -58.53 -16.47 -15.61
N GLU F 125 -59.17 -15.70 -14.72
CA GLU F 125 -58.95 -14.26 -14.69
C GLU F 125 -57.53 -13.88 -14.32
N SER F 126 -56.83 -14.69 -13.53
CA SER F 126 -55.46 -14.36 -13.15
C SER F 126 -54.52 -14.35 -14.34
N TYR F 127 -54.92 -14.93 -15.46
CA TYR F 127 -54.08 -15.00 -16.65
C TYR F 127 -54.05 -13.69 -17.42
N ILE F 128 -54.83 -12.69 -17.03
CA ILE F 128 -54.79 -11.39 -17.69
C ILE F 128 -53.76 -10.51 -16.98
N LYS F 129 -52.84 -9.95 -17.75
CA LYS F 129 -51.84 -9.04 -17.19
C LYS F 129 -52.20 -7.57 -17.39
N ASP F 130 -53.10 -7.26 -18.31
CA ASP F 130 -53.47 -5.87 -18.56
C ASP F 130 -54.81 -5.86 -19.29
N PHE F 131 -55.67 -4.91 -18.94
CA PHE F 131 -56.92 -4.67 -19.65
C PHE F 131 -57.26 -3.19 -19.48
N ARG F 132 -56.85 -2.38 -20.46
CA ARG F 132 -57.09 -0.95 -20.45
C ARG F 132 -57.90 -0.56 -21.69
N VAL F 133 -58.64 0.53 -21.59
CA VAL F 133 -59.66 0.88 -22.57
C VAL F 133 -59.46 2.33 -22.99
N TYR F 134 -58.93 2.54 -24.20
CA TYR F 134 -58.65 3.87 -24.69
C TYR F 134 -59.33 4.07 -26.04
N PHE F 135 -59.85 5.28 -26.25
CA PHE F 135 -60.55 5.58 -27.49
C PHE F 135 -59.55 5.92 -28.60
N VAL F 136 -60.08 6.08 -29.81
CA VAL F 136 -59.30 6.47 -30.98
C VAL F 136 -59.70 7.85 -31.47
N ASN F 137 -60.99 8.04 -31.78
CA ASN F 137 -61.45 9.32 -32.30
C ASN F 137 -61.54 10.36 -31.18
N PRO F 138 -62.23 10.10 -30.06
CA PRO F 138 -62.23 11.09 -28.98
C PRO F 138 -60.92 11.05 -28.22
N THR F 139 -60.26 12.20 -28.15
CA THR F 139 -58.98 12.34 -27.46
C THR F 139 -59.12 13.39 -26.37
N THR F 140 -58.70 13.03 -25.16
CA THR F 140 -58.90 13.88 -23.99
C THR F 140 -57.88 13.47 -22.92
N THR F 141 -58.14 13.89 -21.68
CA THR F 141 -57.38 13.53 -20.49
C THR F 141 -57.41 12.01 -20.36
N PRO F 142 -56.61 11.37 -19.45
CA PRO F 142 -56.00 10.06 -19.76
C PRO F 142 -56.77 9.15 -20.70
N ASN F 143 -58.08 9.03 -20.52
CA ASN F 143 -58.94 8.29 -21.44
C ASN F 143 -58.57 6.81 -21.46
N TYR F 144 -58.36 6.24 -20.28
CA TYR F 144 -58.19 4.79 -20.17
C TYR F 144 -58.42 4.38 -18.72
N VAL F 145 -59.27 3.36 -18.55
CA VAL F 145 -59.42 2.66 -17.28
C VAL F 145 -58.77 1.29 -17.46
N GLN F 146 -57.90 0.92 -16.53
CA GLN F 146 -57.05 -0.24 -16.69
C GLN F 146 -57.28 -1.25 -15.58
N PHE F 147 -57.56 -2.49 -15.94
CA PHE F 147 -57.65 -3.58 -15.00
C PHE F 147 -56.28 -4.23 -14.82
N GLN F 148 -56.11 -4.88 -13.67
CA GLN F 148 -54.91 -5.67 -13.38
C GLN F 148 -55.39 -7.02 -12.88
N GLY F 149 -55.65 -7.93 -13.81
CA GLY F 149 -56.23 -9.22 -13.43
C GLY F 149 -57.57 -9.01 -12.77
N THR F 150 -57.72 -9.55 -11.56
CA THR F 150 -58.96 -9.39 -10.81
C THR F 150 -59.08 -7.99 -10.21
N SER F 151 -57.96 -7.39 -9.84
CA SER F 151 -57.97 -6.09 -9.17
C SER F 151 -58.13 -4.97 -10.20
N VAL F 152 -58.28 -3.75 -9.68
CA VAL F 152 -58.41 -2.56 -10.50
C VAL F 152 -57.33 -1.57 -10.07
N THR F 153 -56.77 -0.86 -11.05
CA THR F 153 -55.71 0.11 -10.79
C THR F 153 -55.99 1.50 -11.33
N GLN F 154 -57.04 1.69 -12.10
CA GLN F 154 -57.40 3.01 -12.62
C GLN F 154 -58.84 3.32 -12.24
N SER F 155 -59.07 4.53 -11.72
CA SER F 155 -60.40 4.89 -11.21
C SER F 155 -61.33 5.34 -12.32
N ALA F 156 -60.98 6.44 -13.00
CA ALA F 156 -61.88 7.04 -13.97
C ALA F 156 -61.12 8.00 -14.85
N THR F 157 -61.82 8.56 -15.83
CA THR F 157 -61.27 9.48 -16.81
C THR F 157 -62.02 10.81 -16.75
N GLY F 158 -61.72 11.69 -17.70
CA GLY F 158 -62.35 12.99 -17.79
C GLY F 158 -63.56 12.99 -18.72
N SER F 159 -64.10 14.19 -18.91
CA SER F 159 -65.27 14.36 -19.77
C SER F 159 -64.85 14.56 -21.22
N VAL F 160 -65.72 14.15 -22.13
CA VAL F 160 -65.51 14.28 -23.57
C VAL F 160 -66.81 14.72 -24.22
N SER F 161 -66.72 15.62 -25.19
CA SER F 161 -67.89 16.21 -25.83
C SER F 161 -68.33 15.37 -27.03
N ILE F 162 -69.60 15.00 -27.05
CA ILE F 162 -70.20 14.27 -28.18
C ILE F 162 -71.51 14.97 -28.54
N GLY F 163 -71.52 15.66 -29.67
CA GLY F 163 -72.70 16.37 -30.10
C GLY F 163 -73.35 15.77 -31.31
N PRO F 164 -74.28 16.49 -31.93
CA PRO F 164 -74.96 16.00 -33.13
C PRO F 164 -74.03 16.06 -34.34
N GLY F 165 -73.97 14.97 -35.09
CA GLY F 165 -73.10 14.89 -36.25
C GLY F 165 -71.77 14.26 -35.94
N GLN F 166 -70.99 14.85 -35.04
CA GLN F 166 -69.75 14.23 -34.61
C GLN F 166 -70.04 13.04 -33.70
N CYS F 167 -69.34 11.95 -33.96
CA CYS F 167 -69.71 10.64 -33.45
C CYS F 167 -68.51 9.99 -32.77
N ALA F 168 -68.71 9.58 -31.52
CA ALA F 168 -67.61 9.12 -30.68
C ALA F 168 -67.37 7.62 -30.84
N THR F 169 -66.10 7.23 -30.78
CA THR F 169 -65.68 5.85 -30.95
C THR F 169 -65.01 5.35 -29.67
N VAL F 170 -65.21 4.07 -29.35
CA VAL F 170 -64.63 3.43 -28.17
C VAL F 170 -63.63 2.39 -28.63
N GLY F 171 -62.48 2.33 -27.97
CA GLY F 171 -61.46 1.35 -28.25
C GLY F 171 -61.20 0.41 -27.09
N ALA F 172 -60.12 -0.34 -27.21
CA ALA F 172 -59.76 -1.33 -26.19
C ALA F 172 -58.28 -1.69 -26.33
N TYR F 173 -57.79 -2.44 -25.34
CA TYR F 173 -56.41 -2.90 -25.32
C TYR F 173 -56.36 -4.12 -24.42
N VAL F 174 -56.11 -5.30 -24.99
CA VAL F 174 -56.20 -6.56 -24.27
C VAL F 174 -54.89 -7.31 -24.40
N LEU F 175 -54.37 -7.81 -23.29
CA LEU F 175 -53.18 -8.66 -23.26
C LEU F 175 -53.50 -9.89 -22.41
N VAL F 176 -53.08 -11.06 -22.90
CA VAL F 176 -53.34 -12.32 -22.21
C VAL F 176 -52.02 -13.07 -22.04
N ASP F 177 -51.77 -13.56 -20.84
CA ASP F 177 -50.58 -14.35 -20.59
C ASP F 177 -50.67 -15.66 -21.36
N PRO F 178 -49.58 -16.10 -22.01
CA PRO F 178 -49.61 -17.33 -22.81
C PRO F 178 -49.47 -18.62 -22.00
N SER F 179 -49.63 -18.57 -20.69
CA SER F 179 -49.64 -19.78 -19.88
C SER F 179 -51.01 -20.46 -19.86
N LEU F 180 -51.96 -19.95 -20.64
CA LEU F 180 -53.29 -20.55 -20.69
C LEU F 180 -53.21 -21.95 -21.29
N PRO F 181 -53.97 -22.90 -20.75
CA PRO F 181 -54.01 -24.24 -21.36
C PRO F 181 -54.54 -24.18 -22.78
N THR F 182 -54.03 -25.10 -23.61
CA THR F 182 -54.42 -25.14 -25.02
C THR F 182 -55.92 -25.36 -25.19
N SER F 183 -56.55 -26.05 -24.23
CA SER F 183 -57.98 -26.31 -24.32
C SER F 183 -58.79 -25.02 -24.37
N ALA F 184 -58.40 -24.01 -23.60
CA ALA F 184 -59.07 -22.72 -23.61
C ALA F 184 -58.59 -21.80 -24.72
N ARG F 185 -57.55 -22.20 -25.46
CA ARG F 185 -57.03 -21.37 -26.55
C ARG F 185 -57.85 -21.54 -27.84
N ASP F 186 -59.05 -22.11 -27.76
CA ASP F 186 -59.84 -22.35 -28.96
C ASP F 186 -60.72 -21.17 -29.34
N GLY F 187 -60.96 -20.25 -28.40
CA GLY F 187 -61.84 -19.13 -28.64
C GLY F 187 -63.28 -19.34 -28.27
N LYS F 188 -63.72 -20.58 -28.10
CA LYS F 188 -65.08 -20.83 -27.62
C LYS F 188 -65.25 -20.39 -26.17
N THR F 189 -64.33 -20.79 -25.30
CA THR F 189 -64.48 -20.54 -23.88
C THR F 189 -64.28 -19.06 -23.57
N VAL F 190 -65.12 -18.53 -22.69
CA VAL F 190 -64.98 -17.15 -22.23
C VAL F 190 -64.02 -17.12 -21.05
N ILE F 191 -63.01 -16.26 -21.13
CA ILE F 191 -61.94 -16.24 -20.15
C ILE F 191 -62.13 -15.19 -19.07
N ALA F 192 -62.87 -14.11 -19.34
CA ALA F 192 -63.11 -13.06 -18.36
C ALA F 192 -64.40 -12.31 -18.71
N THR F 193 -65.00 -11.67 -17.72
CA THR F 193 -66.21 -10.87 -17.95
C THR F 193 -66.15 -9.68 -16.98
N TYR F 194 -66.05 -8.48 -17.54
CA TYR F 194 -65.90 -7.26 -16.76
C TYR F 194 -67.06 -6.31 -17.03
N GLN F 195 -67.28 -5.41 -16.07
CA GLN F 195 -68.28 -4.36 -16.21
C GLN F 195 -67.60 -3.01 -16.41
N VAL F 196 -68.12 -2.24 -17.35
CA VAL F 196 -67.70 -0.86 -17.57
C VAL F 196 -68.93 0.03 -17.51
N ASN F 197 -68.84 1.12 -16.76
CA ASN F 197 -69.95 2.05 -16.60
C ASN F 197 -69.57 3.40 -17.19
N VAL F 198 -70.01 3.66 -18.41
CA VAL F 198 -69.82 4.95 -19.06
C VAL F 198 -71.00 5.84 -18.70
N VAL F 199 -70.71 7.05 -18.21
CA VAL F 199 -71.71 7.95 -17.68
C VAL F 199 -71.81 9.15 -18.61
N PHE F 200 -72.73 9.11 -19.55
CA PHE F 200 -72.96 10.20 -20.49
C PHE F 200 -73.88 11.24 -19.85
N SER F 201 -73.52 12.51 -20.00
CA SER F 201 -74.27 13.61 -19.43
C SER F 201 -74.24 14.78 -20.41
N THR F 202 -75.08 15.78 -20.14
CA THR F 202 -75.14 16.98 -20.96
C THR F 202 -74.23 18.09 -20.44
N SER F 203 -73.56 17.88 -19.31
CA SER F 203 -72.69 18.87 -18.72
C SER F 203 -71.35 18.26 -18.37
N PRO F 204 -70.26 19.05 -18.40
CA PRO F 204 -68.93 18.55 -18.03
C PRO F 204 -68.82 18.28 -16.53
#